data_7P7O
#
_entry.id   7P7O
#
_cell.length_a   131.797
_cell.length_b   131.797
_cell.length_c   189.381
_cell.angle_alpha   90.000
_cell.angle_beta   90.000
_cell.angle_gamma   120.000
#
_symmetry.space_group_name_H-M   'P 63 2 2'
#
loop_
_entity.id
_entity.type
_entity.pdbx_description
1 polymer 'Urease subunit gamma'
2 polymer 'Urease subunit beta'
3 polymer 'Urease subunit alpha'
4 non-polymer 1,2-ETHANEDIOL
5 non-polymer 'SULFATE ION'
6 non-polymer 'NICKEL (II) ION'
7 non-polymer 'OXYGEN ATOM'
8 non-polymer triethylphosphanuidylgold(1+)
9 water water
#
loop_
_entity_poly.entity_id
_entity_poly.type
_entity_poly.pdbx_seq_one_letter_code
_entity_poly.pdbx_strand_id
1 'polypeptide(L)'
;(CXM)HLNPAEKEKLQIFLASELALKRKARGLKLNYPEAVAIITSFIMEGARDGKTVAMLMEEGKHVLTRDDVMEGVPEM
IDDIQAEATFPDGTKLVTVHNPIS
;
AAA
2 'polypeptide(L)'
;NYIVPGEYRVAEGEIEINAGREKTTIRVSNTGDRPIQVGSHIHFVEVNKELLFDRAEGIGRRLNIPSGTAARFEPGEEME
VELTELGGNREVFGISDLTNGSVDNKELILQRAKELGYKGVE
;
BBB
3 'polypeptide(L)'
;MKINRQQYAESYGPTVGDQVRLADTDLWIEVEKDYTTYGDEANFGGGKVLREGMGENGTYTRTENVLDLLLTNALILDYT
GIYKADIGVKDGYIVGIGKGGNPDIMDGVTPNMIVGTATEVIAAEGKIVTAGGIDTHVHFINPDQVDVALANGITTLFGG
GTGPAEGSKATTVTPGPWNIEKMLKSTEGLPINVGILGKGHGSSIAPIMEQIDAGAAGL(KCX)IHEDWGATPASIDRSL
TVADEADVQVAIHSDTLNEAGFLEDTLRAINGRVIHSFHVEGAGGGHAPDIMAMAGHPNVLPSSTNPTRPFTVNTIDEHL
DMLMVCHHLKQNIPEDVAFADSRIRPETIAAEDILHDLGIISMMSTDALAMGRAGEMVLRTWQTADKMKKQRGPLAEEKN
GSDNFRAKRYVSKYTINPAIAQGIAHEVGSIEEGKFADLVLWEPKFFGVKADRVIKGGIIAYAQIGDPSASIPTPQPVMG
RRMYGTVGDLIHDTNITFMSKSSIQQGVPAKLGLKRRIGTVKNCRNIGKKDMKWNDVTTDIDINPETYEVKVDGEVLTCE
PVKELPMAQRYFLF
;
CCC
#
loop_
_chem_comp.id
_chem_comp.type
_chem_comp.name
_chem_comp.formula
AUF non-polymer triethylphosphanuidylgold(1+) 'C6 H15 Au P'
EDO non-polymer 1,2-ETHANEDIOL 'C2 H6 O2'
NI non-polymer 'NICKEL (II) ION' 'Ni 2'
O non-polymer 'OXYGEN ATOM' O
SO4 non-polymer 'SULFATE ION' 'O4 S -2'
#
# COMPACT_ATOMS: atom_id res chain seq x y z
N CXM A 1 37.26 -0.49 -17.87
CA CXM A 1 36.51 -1.70 -17.57
CB CXM A 1 35.96 -1.67 -16.14
CG CXM A 1 37.08 -1.86 -15.09
SD CXM A 1 36.37 -1.90 -13.42
CE CXM A 1 36.06 -0.16 -13.20
C CXM A 1 35.32 -1.93 -18.51
O CXM A 1 34.93 -3.07 -18.78
CN CXM A 1 37.74 -0.22 -19.13
ON1 CXM A 1 38.46 0.71 -19.40
ON2 CXM A 1 37.39 -1.03 -20.11
N HIS A 2 34.72 -0.82 -18.98
CA HIS A 2 33.51 -0.82 -19.78
C HIS A 2 32.35 -1.43 -19.00
N LEU A 3 32.09 -0.97 -17.76
CA LEU A 3 30.94 -1.57 -17.08
C LEU A 3 29.60 -1.17 -17.70
N ASN A 4 28.73 -2.15 -17.93
CA ASN A 4 27.38 -1.91 -18.40
C ASN A 4 26.47 -1.79 -17.17
N PRO A 5 25.18 -1.43 -17.29
CA PRO A 5 24.37 -1.24 -16.10
C PRO A 5 24.28 -2.45 -15.18
N ALA A 6 24.03 -3.66 -15.73
CA ALA A 6 23.91 -4.83 -14.86
C ALA A 6 25.24 -5.11 -14.13
N GLU A 7 26.38 -4.97 -14.81
CA GLU A 7 27.65 -5.22 -14.13
C GLU A 7 27.78 -4.27 -12.95
N LYS A 8 27.37 -3.01 -13.12
CA LYS A 8 27.49 -2.11 -11.99
C LYS A 8 26.53 -2.52 -10.88
N GLU A 9 25.28 -2.88 -11.23
CA GLU A 9 24.35 -3.21 -10.17
C GLU A 9 24.81 -4.43 -9.39
N LYS A 10 25.27 -5.45 -10.12
CA LYS A 10 25.56 -6.73 -9.51
C LYS A 10 26.76 -6.69 -8.57
N LEU A 11 27.64 -5.67 -8.68
CA LEU A 11 28.69 -5.47 -7.69
C LEU A 11 28.07 -5.37 -6.31
N GLN A 12 26.88 -4.79 -6.21
N GLN A 12 26.88 -4.76 -6.23
CA GLN A 12 26.32 -4.57 -4.88
CA GLN A 12 26.17 -4.57 -4.96
C GLN A 12 25.67 -5.84 -4.32
C GLN A 12 25.85 -5.92 -4.31
N ILE A 13 25.45 -6.89 -5.14
CA ILE A 13 25.08 -8.19 -4.58
C ILE A 13 26.32 -8.85 -3.96
N PHE A 14 27.43 -8.84 -4.71
CA PHE A 14 28.66 -9.36 -4.13
C PHE A 14 28.95 -8.65 -2.79
N LEU A 15 28.88 -7.31 -2.76
CA LEU A 15 29.16 -6.55 -1.54
C LEU A 15 28.22 -6.97 -0.39
N ALA A 16 26.91 -7.06 -0.65
CA ALA A 16 25.98 -7.43 0.42
C ALA A 16 26.36 -8.84 0.93
N SER A 17 26.76 -9.75 0.04
CA SER A 17 27.14 -11.09 0.42
C SER A 17 28.38 -11.08 1.32
N GLU A 18 29.38 -10.22 1.03
CA GLU A 18 30.54 -10.12 1.88
C GLU A 18 30.14 -9.67 3.27
N LEU A 19 29.28 -8.67 3.34
CA LEU A 19 28.78 -8.13 4.60
C LEU A 19 28.09 -9.23 5.40
N ALA A 20 27.19 -9.97 4.73
CA ALA A 20 26.43 -11.04 5.38
C ALA A 20 27.36 -12.16 5.90
N LEU A 21 28.37 -12.50 5.09
CA LEU A 21 29.29 -13.58 5.47
C LEU A 21 30.10 -13.13 6.71
N LYS A 22 30.47 -11.85 6.82
CA LYS A 22 31.15 -11.39 8.03
C LYS A 22 30.22 -11.53 9.22
N ARG A 23 28.94 -11.25 9.02
CA ARG A 23 27.97 -11.31 10.11
C ARG A 23 27.81 -12.76 10.54
N LYS A 24 27.74 -13.69 9.57
CA LYS A 24 27.61 -15.09 9.90
C LYS A 24 28.86 -15.57 10.63
N ALA A 25 30.05 -15.13 10.19
CA ALA A 25 31.31 -15.54 10.81
C ALA A 25 31.39 -15.02 12.25
N ARG A 26 30.67 -13.97 12.62
CA ARG A 26 30.79 -13.62 14.03
C ARG A 26 29.64 -14.17 14.85
N GLY A 27 28.87 -15.08 14.25
CA GLY A 27 27.95 -15.88 15.04
C GLY A 27 26.49 -15.46 14.95
N LEU A 28 26.13 -14.51 14.08
CA LEU A 28 24.74 -14.06 14.00
C LEU A 28 23.92 -15.04 13.13
N LYS A 29 22.68 -15.30 13.55
N LYS A 29 22.68 -15.31 13.55
CA LYS A 29 21.69 -15.85 12.66
CA LYS A 29 21.68 -15.86 12.66
C LYS A 29 21.33 -14.78 11.63
C LYS A 29 21.34 -14.78 11.62
N LEU A 30 21.37 -15.16 10.33
CA LEU A 30 21.20 -14.22 9.23
C LEU A 30 19.71 -13.91 8.98
N ASN A 31 19.48 -12.69 8.47
CA ASN A 31 18.13 -12.25 8.15
C ASN A 31 17.79 -12.49 6.68
N TYR A 32 16.59 -12.06 6.28
CA TYR A 32 16.07 -12.23 4.94
C TYR A 32 17.02 -11.64 3.90
N PRO A 33 17.34 -10.33 3.85
CA PRO A 33 18.24 -9.86 2.79
C PRO A 33 19.67 -10.44 2.76
N GLU A 34 20.22 -10.74 3.95
CA GLU A 34 21.56 -11.30 4.09
C GLU A 34 21.58 -12.68 3.42
N ALA A 35 20.53 -13.45 3.73
CA ALA A 35 20.46 -14.82 3.22
C ALA A 35 20.36 -14.81 1.69
N VAL A 36 19.46 -13.95 1.16
CA VAL A 36 19.29 -13.80 -0.27
C VAL A 36 20.63 -13.41 -0.90
N ALA A 37 21.34 -12.43 -0.31
CA ALA A 37 22.59 -11.96 -0.90
C ALA A 37 23.60 -13.10 -0.99
N ILE A 38 23.70 -13.91 0.08
CA ILE A 38 24.70 -14.97 0.12
C ILE A 38 24.46 -16.00 -0.98
N ILE A 39 23.22 -16.48 -1.06
CA ILE A 39 22.90 -17.51 -2.04
C ILE A 39 23.01 -16.95 -3.47
N THR A 40 22.57 -15.69 -3.68
CA THR A 40 22.69 -15.08 -5.00
C THR A 40 24.14 -14.95 -5.41
N SER A 41 24.98 -14.40 -4.52
CA SER A 41 26.37 -14.25 -4.92
C SER A 41 27.03 -15.62 -5.17
N PHE A 42 26.65 -16.62 -4.36
CA PHE A 42 27.18 -17.97 -4.58
C PHE A 42 26.89 -18.38 -6.04
N ILE A 43 25.66 -18.12 -6.52
CA ILE A 43 25.28 -18.52 -7.88
C ILE A 43 26.12 -17.80 -8.93
N MET A 44 26.33 -16.51 -8.75
N MET A 44 26.29 -16.48 -8.73
CA MET A 44 27.03 -15.73 -9.78
CA MET A 44 27.03 -15.60 -9.64
C MET A 44 28.51 -16.11 -9.84
C MET A 44 28.45 -16.13 -9.80
N GLU A 45 29.13 -16.32 -8.66
CA GLU A 45 30.51 -16.79 -8.59
C GLU A 45 30.59 -18.21 -9.17
N GLY A 46 29.56 -19.02 -8.94
CA GLY A 46 29.51 -20.37 -9.51
C GLY A 46 29.55 -20.36 -11.04
N ALA A 47 28.78 -19.44 -11.63
CA ALA A 47 28.72 -19.35 -13.07
C ALA A 47 30.06 -18.86 -13.59
N ARG A 48 30.69 -17.93 -12.85
CA ARG A 48 32.02 -17.43 -13.23
C ARG A 48 33.05 -18.57 -13.19
N ASP A 49 32.83 -19.52 -12.24
CA ASP A 49 33.70 -20.69 -12.16
C ASP A 49 33.50 -21.64 -13.34
N GLY A 50 32.40 -21.54 -14.07
CA GLY A 50 32.19 -22.42 -15.21
C GLY A 50 31.30 -23.64 -14.87
N LYS A 51 30.69 -23.68 -13.68
CA LYS A 51 29.71 -24.71 -13.36
C LYS A 51 28.51 -24.62 -14.29
N THR A 52 27.67 -25.66 -14.31
CA THR A 52 26.52 -25.62 -15.18
C THR A 52 25.35 -25.08 -14.40
N VAL A 53 24.27 -24.72 -15.13
CA VAL A 53 23.01 -24.29 -14.52
C VAL A 53 22.48 -25.41 -13.61
N ALA A 54 22.52 -26.65 -14.11
CA ALA A 54 22.06 -27.80 -13.32
C ALA A 54 22.84 -27.92 -12.00
N MET A 55 24.18 -27.81 -12.05
CA MET A 55 24.95 -27.89 -10.81
C MET A 55 24.49 -26.83 -9.80
N LEU A 56 24.23 -25.59 -10.26
CA LEU A 56 24.04 -24.48 -9.34
C LEU A 56 22.62 -24.59 -8.79
N MET A 57 21.74 -25.24 -9.56
CA MET A 57 20.40 -25.48 -9.06
C MET A 57 20.43 -26.46 -7.90
N GLU A 58 21.31 -27.46 -7.97
CA GLU A 58 21.42 -28.38 -6.83
C GLU A 58 22.13 -27.67 -5.68
N GLU A 59 23.33 -27.10 -5.95
CA GLU A 59 24.22 -26.63 -4.89
C GLU A 59 23.54 -25.52 -4.11
N GLY A 60 22.73 -24.72 -4.83
CA GLY A 60 22.05 -23.60 -4.19
C GLY A 60 21.11 -23.99 -3.05
N LYS A 61 20.70 -25.26 -2.98
CA LYS A 61 19.83 -25.73 -1.91
C LYS A 61 20.64 -26.06 -0.66
N HIS A 62 21.95 -25.94 -0.73
CA HIS A 62 22.77 -26.39 0.40
C HIS A 62 23.78 -25.32 0.80
N VAL A 63 23.52 -24.03 0.54
CA VAL A 63 24.49 -22.99 0.89
C VAL A 63 24.24 -22.50 2.32
N LEU A 64 22.96 -22.40 2.72
CA LEU A 64 22.56 -22.01 4.07
C LEU A 64 21.46 -22.99 4.51
N THR A 65 21.41 -23.33 5.81
CA THR A 65 20.39 -24.22 6.34
C THR A 65 19.58 -23.44 7.37
N ARG A 66 18.48 -24.03 7.87
CA ARG A 66 17.63 -23.24 8.75
C ARG A 66 18.33 -22.69 10.00
N ASP A 67 19.31 -23.45 10.53
CA ASP A 67 20.02 -23.05 11.74
C ASP A 67 20.96 -21.86 11.46
N ASP A 68 21.23 -21.55 10.17
CA ASP A 68 22.04 -20.38 9.83
C ASP A 68 21.24 -19.07 9.81
N VAL A 69 19.88 -19.13 9.87
CA VAL A 69 19.04 -17.96 9.63
C VAL A 69 18.02 -17.81 10.75
N MET A 70 17.44 -16.60 10.86
N MET A 70 17.44 -16.62 10.84
CA MET A 70 16.43 -16.29 11.84
CA MET A 70 16.44 -16.32 11.85
C MET A 70 15.16 -17.08 11.57
C MET A 70 15.16 -17.10 11.57
N GLU A 71 14.35 -17.23 12.62
CA GLU A 71 13.03 -17.85 12.54
C GLU A 71 12.20 -17.19 11.43
N GLY A 72 11.55 -18.01 10.61
CA GLY A 72 10.67 -17.54 9.55
C GLY A 72 11.40 -17.26 8.23
N VAL A 73 12.72 -17.08 8.26
CA VAL A 73 13.43 -16.73 7.03
C VAL A 73 13.34 -17.86 6.01
N PRO A 74 13.50 -19.17 6.38
CA PRO A 74 13.37 -20.23 5.38
C PRO A 74 12.03 -20.11 4.64
N GLU A 75 10.96 -19.76 5.36
CA GLU A 75 9.65 -19.82 4.74
C GLU A 75 9.40 -18.52 3.95
N MET A 76 10.16 -17.45 4.23
CA MET A 76 10.02 -16.22 3.46
C MET A 76 10.66 -16.37 2.08
N ILE A 77 11.65 -17.27 1.95
CA ILE A 77 12.37 -17.37 0.68
C ILE A 77 11.86 -18.57 -0.10
N ASP A 78 10.98 -18.32 -1.08
CA ASP A 78 10.45 -19.39 -1.91
C ASP A 78 11.37 -19.73 -3.08
N ASP A 79 12.07 -18.71 -3.63
CA ASP A 79 12.98 -18.93 -4.74
C ASP A 79 14.04 -17.85 -4.69
N ILE A 80 15.19 -18.14 -5.27
CA ILE A 80 16.22 -17.14 -5.52
C ILE A 80 16.62 -17.29 -6.97
N GLN A 81 16.60 -16.15 -7.69
CA GLN A 81 16.97 -16.19 -9.10
C GLN A 81 18.13 -15.24 -9.38
N ALA A 82 19.00 -15.64 -10.31
CA ALA A 82 20.14 -14.81 -10.69
C ALA A 82 20.51 -15.16 -12.10
N GLU A 83 20.89 -14.12 -12.85
CA GLU A 83 21.42 -14.29 -14.19
C GLU A 83 22.89 -13.96 -14.16
N ALA A 84 23.69 -14.77 -14.86
CA ALA A 84 25.12 -14.47 -14.86
C ALA A 84 25.70 -14.99 -16.17
N THR A 85 26.95 -14.61 -16.45
CA THR A 85 27.56 -15.01 -17.70
C THR A 85 28.25 -16.37 -17.48
N PHE A 86 27.68 -17.44 -18.03
CA PHE A 86 28.29 -18.77 -18.04
C PHE A 86 29.33 -18.83 -19.18
N PRO A 87 30.17 -19.89 -19.31
CA PRO A 87 31.07 -19.94 -20.47
C PRO A 87 30.30 -19.87 -21.79
N ASP A 88 29.03 -20.29 -21.77
CA ASP A 88 28.18 -20.25 -22.96
C ASP A 88 27.17 -19.09 -22.94
N GLY A 89 27.51 -17.97 -22.25
CA GLY A 89 26.64 -16.78 -22.30
C GLY A 89 25.74 -16.66 -21.06
N THR A 90 24.86 -15.66 -21.03
CA THR A 90 24.01 -15.38 -19.87
C THR A 90 22.96 -16.47 -19.78
N LYS A 91 22.75 -16.97 -18.55
CA LYS A 91 21.63 -17.91 -18.33
C LYS A 91 21.03 -17.59 -16.97
N LEU A 92 19.79 -18.05 -16.79
CA LEU A 92 19.04 -17.82 -15.59
C LEU A 92 19.11 -19.07 -14.71
N VAL A 93 19.50 -18.91 -13.44
CA VAL A 93 19.43 -19.96 -12.41
C VAL A 93 18.28 -19.64 -11.46
N THR A 94 17.34 -20.57 -11.24
CA THR A 94 16.35 -20.41 -10.19
C THR A 94 16.55 -21.51 -9.14
N VAL A 95 16.72 -21.11 -7.88
CA VAL A 95 16.84 -22.10 -6.83
C VAL A 95 15.56 -22.07 -6.02
N HIS A 96 14.80 -23.17 -6.10
CA HIS A 96 13.53 -23.27 -5.42
C HIS A 96 13.75 -23.65 -3.95
N ASN A 97 13.02 -23.03 -3.01
CA ASN A 97 13.14 -23.40 -1.61
C ASN A 97 14.60 -23.63 -1.21
N PRO A 98 15.49 -22.62 -1.30
CA PRO A 98 16.90 -22.85 -0.98
C PRO A 98 17.26 -23.20 0.46
N ILE A 99 16.39 -22.88 1.42
CA ILE A 99 16.78 -23.15 2.80
C ILE A 99 15.68 -24.01 3.40
N SER A 100 15.99 -25.27 3.69
CA SER A 100 15.21 -26.02 4.67
C SER A 100 16.14 -26.54 5.79
N ASN B 1 3.29 -21.35 17.71
CA ASN B 1 4.15 -20.26 18.22
C ASN B 1 5.24 -19.86 17.21
N TYR B 2 5.68 -20.78 16.32
CA TYR B 2 6.66 -20.45 15.27
C TYR B 2 6.01 -19.42 14.32
N ILE B 3 6.70 -18.32 13.99
CA ILE B 3 6.05 -17.31 13.14
C ILE B 3 6.50 -17.43 11.67
N VAL B 4 5.54 -17.67 10.76
CA VAL B 4 5.76 -17.60 9.32
C VAL B 4 5.22 -16.24 8.86
N PRO B 5 6.09 -15.28 8.47
CA PRO B 5 5.66 -13.91 8.17
C PRO B 5 4.62 -13.95 7.07
N GLY B 6 3.51 -13.22 7.25
CA GLY B 6 2.46 -13.19 6.24
C GLY B 6 1.64 -14.49 6.03
N GLU B 7 1.71 -15.47 6.93
CA GLU B 7 1.04 -16.75 6.67
C GLU B 7 -0.48 -16.60 6.79
N TYR B 8 -1.22 -17.48 6.11
CA TYR B 8 -2.67 -17.53 6.21
C TYR B 8 -3.08 -18.50 7.33
N ARG B 9 -4.23 -18.26 7.95
CA ARG B 9 -4.92 -19.28 8.72
C ARG B 9 -6.32 -19.29 8.14
N VAL B 10 -6.52 -20.22 7.17
CA VAL B 10 -7.76 -20.24 6.41
C VAL B 10 -8.88 -20.86 7.25
N ALA B 11 -10.13 -20.44 7.04
CA ALA B 11 -11.22 -21.00 7.82
C ALA B 11 -11.49 -22.45 7.39
N GLU B 12 -12.33 -23.20 8.13
N GLU B 12 -12.38 -23.15 8.12
CA GLU B 12 -12.60 -24.59 7.79
CA GLU B 12 -12.78 -24.53 7.86
C GLU B 12 -13.66 -24.66 6.70
C GLU B 12 -13.67 -24.60 6.62
N GLY B 13 -13.58 -25.71 5.88
CA GLY B 13 -14.61 -25.97 4.88
C GLY B 13 -14.10 -25.89 3.43
N GLU B 14 -15.06 -25.77 2.51
CA GLU B 14 -14.78 -25.86 1.10
C GLU B 14 -15.60 -24.77 0.39
N ILE B 15 -15.09 -24.37 -0.78
CA ILE B 15 -15.77 -23.39 -1.60
C ILE B 15 -16.39 -24.17 -2.75
N GLU B 16 -17.71 -24.05 -2.94
CA GLU B 16 -18.35 -24.61 -4.13
C GLU B 16 -18.35 -23.60 -5.30
N ILE B 17 -17.82 -23.98 -6.46
CA ILE B 17 -17.80 -23.08 -7.62
C ILE B 17 -19.03 -23.33 -8.46
N ASN B 18 -19.48 -22.23 -9.11
CA ASN B 18 -20.57 -22.29 -10.06
C ASN B 18 -21.80 -22.88 -9.39
N ALA B 19 -22.07 -22.51 -8.13
CA ALA B 19 -23.15 -23.12 -7.36
C ALA B 19 -24.48 -22.82 -8.05
N GLY B 20 -25.36 -23.83 -8.05
CA GLY B 20 -26.74 -23.59 -8.46
C GLY B 20 -26.91 -23.55 -9.97
N ARG B 21 -25.87 -23.89 -10.74
CA ARG B 21 -25.99 -23.89 -12.19
C ARG B 21 -26.08 -25.34 -12.66
N GLU B 22 -26.82 -25.63 -13.73
CA GLU B 22 -26.87 -26.99 -14.22
C GLU B 22 -25.49 -27.50 -14.65
N LYS B 23 -25.19 -28.78 -14.35
CA LYS B 23 -23.95 -29.39 -14.84
C LYS B 23 -24.21 -30.48 -15.88
N THR B 24 -23.26 -30.75 -16.79
CA THR B 24 -23.46 -31.75 -17.83
C THR B 24 -22.12 -32.42 -18.13
N THR B 25 -22.11 -33.76 -18.18
CA THR B 25 -20.92 -34.54 -18.45
C THR B 25 -20.95 -35.01 -19.91
N ILE B 26 -19.88 -34.82 -20.67
CA ILE B 26 -19.87 -35.28 -22.05
C ILE B 26 -18.49 -35.86 -22.31
N ARG B 27 -18.38 -36.69 -23.35
CA ARG B 27 -17.14 -37.27 -23.79
C ARG B 27 -16.59 -36.42 -24.94
N VAL B 28 -15.27 -36.24 -24.96
CA VAL B 28 -14.62 -35.38 -25.94
C VAL B 28 -13.33 -36.07 -26.36
N SER B 29 -13.07 -36.10 -27.67
N SER B 29 -13.07 -36.19 -27.66
CA SER B 29 -11.89 -36.75 -28.22
CA SER B 29 -11.79 -36.78 -28.02
C SER B 29 -11.04 -35.72 -28.96
C SER B 29 -11.03 -35.85 -28.96
N ASN B 30 -9.72 -35.73 -28.70
CA ASN B 30 -8.81 -34.97 -29.54
C ASN B 30 -8.44 -35.84 -30.75
N THR B 31 -9.06 -35.57 -31.89
CA THR B 31 -8.79 -36.36 -33.08
C THR B 31 -7.55 -35.81 -33.77
N GLY B 32 -6.93 -34.73 -33.24
CA GLY B 32 -5.78 -34.16 -33.92
C GLY B 32 -4.49 -34.86 -33.51
N ASP B 33 -3.34 -34.51 -34.11
CA ASP B 33 -2.08 -35.15 -33.72
C ASP B 33 -1.23 -34.22 -32.81
N ARG B 34 -1.81 -33.13 -32.29
CA ARG B 34 -1.06 -32.22 -31.43
C ARG B 34 -1.88 -31.99 -30.16
N PRO B 35 -1.28 -31.64 -29.00
CA PRO B 35 -2.05 -31.49 -27.76
C PRO B 35 -2.98 -30.25 -27.79
N ILE B 36 -4.10 -30.31 -27.06
CA ILE B 36 -5.04 -29.21 -26.92
C ILE B 36 -5.34 -29.01 -25.42
N GLN B 37 -5.12 -27.80 -24.91
CA GLN B 37 -5.63 -27.42 -23.60
C GLN B 37 -6.78 -26.44 -23.80
N VAL B 38 -7.82 -26.58 -22.97
CA VAL B 38 -9.04 -25.78 -23.01
C VAL B 38 -9.24 -25.06 -21.66
N GLY B 39 -9.39 -23.75 -21.72
CA GLY B 39 -9.54 -22.95 -20.50
C GLY B 39 -10.93 -22.96 -19.92
N SER B 40 -10.99 -22.55 -18.64
CA SER B 40 -12.23 -22.65 -17.88
C SER B 40 -13.38 -21.86 -18.53
N HIS B 41 -13.06 -20.78 -19.30
CA HIS B 41 -14.15 -19.86 -19.65
C HIS B 41 -14.41 -19.70 -21.15
N ILE B 42 -13.78 -20.46 -22.04
CA ILE B 42 -14.13 -20.48 -23.46
C ILE B 42 -15.49 -21.20 -23.66
N HIS B 43 -16.40 -20.53 -24.37
CA HIS B 43 -17.68 -21.09 -24.75
C HIS B 43 -17.39 -22.44 -25.39
N PHE B 44 -17.89 -23.53 -24.79
CA PHE B 44 -17.30 -24.83 -25.11
C PHE B 44 -17.53 -25.25 -26.58
N VAL B 45 -18.67 -24.86 -27.18
CA VAL B 45 -18.93 -25.24 -28.57
C VAL B 45 -17.91 -24.61 -29.53
N GLU B 46 -17.10 -23.65 -29.08
CA GLU B 46 -16.25 -22.95 -30.04
C GLU B 46 -14.79 -23.42 -29.98
N VAL B 47 -14.54 -24.52 -29.24
CA VAL B 47 -13.19 -25.08 -29.12
C VAL B 47 -12.76 -25.66 -30.46
N ASN B 48 -11.42 -25.82 -30.58
CA ASN B 48 -10.71 -26.39 -31.71
C ASN B 48 -11.59 -27.40 -32.47
N LYS B 49 -11.71 -27.22 -33.80
CA LYS B 49 -12.48 -28.06 -34.70
C LYS B 49 -12.19 -29.56 -34.53
N GLU B 50 -10.93 -29.94 -34.25
N GLU B 50 -10.95 -29.91 -34.17
CA GLU B 50 -10.54 -31.34 -34.19
CA GLU B 50 -10.53 -31.30 -34.18
C GLU B 50 -11.02 -32.05 -32.92
C GLU B 50 -10.82 -32.00 -32.85
N LEU B 51 -11.50 -31.31 -31.91
CA LEU B 51 -12.14 -31.97 -30.76
C LEU B 51 -13.50 -32.47 -31.21
N LEU B 52 -13.73 -33.79 -31.12
CA LEU B 52 -14.99 -34.42 -31.52
C LEU B 52 -15.81 -34.61 -30.25
N PHE B 53 -17.00 -34.03 -30.22
CA PHE B 53 -17.95 -34.26 -29.13
C PHE B 53 -19.31 -33.80 -29.65
N ASP B 54 -20.40 -34.01 -28.91
CA ASP B 54 -21.69 -33.52 -29.35
C ASP B 54 -21.71 -31.99 -29.17
N ARG B 55 -21.50 -31.22 -30.26
CA ARG B 55 -21.29 -29.76 -30.28
C ARG B 55 -22.49 -29.05 -29.67
N ALA B 56 -23.70 -29.62 -29.89
CA ALA B 56 -24.93 -29.07 -29.31
C ALA B 56 -24.81 -28.97 -27.81
N GLU B 57 -24.16 -29.96 -27.20
CA GLU B 57 -24.11 -29.97 -25.73
C GLU B 57 -23.05 -28.96 -25.24
N GLY B 58 -22.29 -28.35 -26.16
CA GLY B 58 -21.32 -27.34 -25.75
C GLY B 58 -21.90 -25.92 -25.69
N ILE B 59 -23.12 -25.74 -26.25
CA ILE B 59 -23.71 -24.42 -26.45
C ILE B 59 -24.17 -23.84 -25.12
N GLY B 60 -23.78 -22.58 -24.88
CA GLY B 60 -24.25 -21.95 -23.66
C GLY B 60 -23.53 -22.45 -22.42
N ARG B 61 -22.36 -23.08 -22.62
CA ARG B 61 -21.68 -23.75 -21.52
C ARG B 61 -20.17 -23.54 -21.55
N ARG B 62 -19.51 -23.94 -20.47
CA ARG B 62 -18.05 -23.91 -20.38
C ARG B 62 -17.65 -24.97 -19.36
N LEU B 63 -16.34 -25.23 -19.25
CA LEU B 63 -15.87 -26.26 -18.32
C LEU B 63 -16.20 -25.87 -16.87
N ASN B 64 -16.67 -26.85 -16.08
CA ASN B 64 -16.92 -26.72 -14.66
C ASN B 64 -15.63 -26.97 -13.87
N ILE B 65 -14.61 -26.12 -14.07
CA ILE B 65 -13.35 -26.29 -13.37
C ILE B 65 -13.01 -24.94 -12.72
N PRO B 66 -12.11 -24.91 -11.71
CA PRO B 66 -11.80 -23.64 -11.02
C PRO B 66 -11.39 -22.58 -12.05
N SER B 67 -11.87 -21.36 -11.82
CA SER B 67 -11.60 -20.23 -12.69
C SER B 67 -10.08 -20.12 -12.96
N GLY B 68 -9.70 -20.03 -14.25
CA GLY B 68 -8.29 -19.86 -14.65
C GLY B 68 -7.51 -21.17 -14.86
N THR B 69 -8.18 -22.33 -14.79
CA THR B 69 -7.48 -23.59 -15.00
C THR B 69 -7.93 -24.12 -16.36
N ALA B 70 -7.31 -25.22 -16.82
CA ALA B 70 -7.52 -25.70 -18.18
C ALA B 70 -7.58 -27.23 -18.18
N ALA B 71 -8.41 -27.84 -19.03
CA ALA B 71 -8.41 -29.30 -19.27
C ALA B 71 -7.36 -29.59 -20.35
N ARG B 72 -6.68 -30.73 -20.26
CA ARG B 72 -5.65 -31.07 -21.23
C ARG B 72 -5.99 -32.33 -22.02
N PHE B 73 -5.95 -32.28 -23.37
CA PHE B 73 -6.14 -33.45 -24.24
C PHE B 73 -4.90 -33.75 -25.07
N GLU B 74 -4.22 -34.87 -24.75
CA GLU B 74 -3.11 -35.33 -25.57
C GLU B 74 -3.64 -35.72 -26.95
N PRO B 75 -2.76 -35.82 -27.99
CA PRO B 75 -3.19 -36.29 -29.31
C PRO B 75 -3.83 -37.65 -29.11
N GLY B 76 -5.02 -37.82 -29.67
CA GLY B 76 -5.70 -39.11 -29.67
C GLY B 76 -6.47 -39.33 -28.36
N GLU B 77 -6.35 -38.43 -27.38
CA GLU B 77 -6.92 -38.77 -26.08
C GLU B 77 -8.43 -38.51 -26.06
N GLU B 78 -9.23 -39.44 -25.53
CA GLU B 78 -10.66 -39.23 -25.34
C GLU B 78 -10.97 -39.24 -23.83
N MET B 79 -11.76 -38.30 -23.34
CA MET B 79 -12.05 -38.37 -21.92
C MET B 79 -13.34 -37.62 -21.63
N GLU B 80 -13.91 -37.82 -20.44
N GLU B 80 -13.87 -37.75 -20.41
CA GLU B 80 -15.08 -37.08 -20.04
CA GLU B 80 -15.12 -37.09 -20.06
C GLU B 80 -14.65 -35.73 -19.47
C GLU B 80 -14.86 -35.84 -19.24
N VAL B 81 -15.53 -34.72 -19.61
CA VAL B 81 -15.39 -33.47 -18.89
C VAL B 81 -16.78 -33.12 -18.35
N GLU B 82 -16.79 -32.38 -17.24
CA GLU B 82 -18.03 -31.79 -16.76
C GLU B 82 -18.16 -30.31 -17.19
N LEU B 83 -19.34 -29.92 -17.73
CA LEU B 83 -19.66 -28.53 -18.16
C LEU B 83 -20.59 -27.87 -17.15
N THR B 84 -20.50 -26.52 -17.05
CA THR B 84 -21.46 -25.72 -16.32
C THR B 84 -22.05 -24.72 -17.30
N GLU B 85 -23.11 -24.00 -16.88
CA GLU B 85 -23.79 -23.01 -17.72
C GLU B 85 -23.04 -21.68 -17.70
N LEU B 86 -22.94 -21.01 -18.86
CA LEU B 86 -22.59 -19.59 -18.86
C LEU B 86 -23.62 -18.81 -18.03
N GLY B 87 -23.21 -17.68 -17.43
CA GLY B 87 -24.11 -16.81 -16.68
C GLY B 87 -24.16 -15.42 -17.34
N GLY B 88 -24.36 -14.36 -16.56
CA GLY B 88 -24.62 -13.03 -17.09
C GLY B 88 -25.80 -13.00 -18.04
N ASN B 89 -25.61 -12.33 -19.19
CA ASN B 89 -26.55 -12.17 -20.31
C ASN B 89 -26.60 -13.40 -21.21
N ARG B 90 -25.72 -14.37 -21.01
CA ARG B 90 -25.71 -15.58 -21.82
C ARG B 90 -25.61 -15.21 -23.28
N GLU B 91 -24.58 -14.39 -23.58
CA GLU B 91 -24.23 -14.01 -24.94
C GLU B 91 -22.74 -14.27 -25.14
N VAL B 92 -22.38 -14.59 -26.37
CA VAL B 92 -20.97 -14.80 -26.69
C VAL B 92 -20.70 -14.06 -27.97
N PHE B 93 -19.57 -13.33 -27.99
CA PHE B 93 -19.10 -12.65 -29.19
C PHE B 93 -17.67 -13.05 -29.44
N GLY B 94 -17.27 -13.08 -30.71
CA GLY B 94 -15.89 -13.33 -31.04
C GLY B 94 -15.51 -14.81 -30.81
N ILE B 95 -14.26 -15.01 -30.32
CA ILE B 95 -13.71 -16.36 -30.15
C ILE B 95 -13.66 -17.02 -31.52
N SER B 96 -14.62 -17.90 -31.86
CA SER B 96 -14.52 -18.57 -33.17
C SER B 96 -15.57 -18.04 -34.14
N ASP B 97 -16.32 -17.03 -33.68
CA ASP B 97 -17.34 -16.39 -34.51
C ASP B 97 -18.51 -17.36 -34.74
N LEU B 98 -18.79 -18.27 -33.80
CA LEU B 98 -19.90 -19.19 -34.06
C LEU B 98 -21.19 -18.62 -33.51
N THR B 99 -21.12 -17.73 -32.53
CA THR B 99 -22.32 -17.32 -31.82
C THR B 99 -22.65 -15.84 -32.13
N ASN B 100 -21.79 -14.92 -31.68
CA ASN B 100 -22.02 -13.50 -31.91
C ASN B 100 -23.45 -13.12 -31.59
N GLY B 101 -23.87 -13.45 -30.37
CA GLY B 101 -25.17 -13.07 -29.85
C GLY B 101 -25.64 -14.02 -28.76
N SER B 102 -26.96 -14.17 -28.60
CA SER B 102 -27.53 -15.04 -27.58
C SER B 102 -27.00 -16.46 -27.81
N VAL B 103 -26.78 -17.21 -26.71
CA VAL B 103 -26.48 -18.63 -26.84
C VAL B 103 -27.77 -19.44 -27.12
N ASP B 104 -28.95 -18.78 -27.10
CA ASP B 104 -30.24 -19.41 -27.40
C ASP B 104 -30.34 -19.81 -28.87
N ASN B 105 -29.50 -19.21 -29.73
N ASN B 105 -29.56 -19.17 -29.76
CA ASN B 105 -29.64 -19.40 -31.17
CA ASN B 105 -29.79 -19.44 -31.17
C ASN B 105 -28.97 -20.70 -31.61
C ASN B 105 -29.01 -20.68 -31.61
N LYS B 106 -29.48 -21.85 -31.13
CA LYS B 106 -28.78 -23.13 -31.25
C LYS B 106 -28.61 -23.55 -32.71
N GLU B 107 -29.66 -23.37 -33.52
CA GLU B 107 -29.61 -23.88 -34.88
C GLU B 107 -28.58 -23.06 -35.67
N LEU B 108 -28.56 -21.73 -35.41
CA LEU B 108 -27.61 -20.85 -36.11
C LEU B 108 -26.16 -21.22 -35.76
N ILE B 109 -25.90 -21.41 -34.46
CA ILE B 109 -24.58 -21.83 -34.01
C ILE B 109 -24.17 -23.14 -34.70
N LEU B 110 -25.05 -24.18 -34.63
CA LEU B 110 -24.71 -25.47 -35.25
C LEU B 110 -24.55 -25.37 -36.77
N GLN B 111 -25.36 -24.51 -37.43
CA GLN B 111 -25.17 -24.38 -38.87
C GLN B 111 -23.80 -23.80 -39.18
N ARG B 112 -23.38 -22.78 -38.40
CA ARG B 112 -22.05 -22.20 -38.65
C ARG B 112 -20.96 -23.23 -38.32
N ALA B 113 -21.12 -23.93 -37.19
CA ALA B 113 -20.17 -24.98 -36.76
C ALA B 113 -20.00 -26.02 -37.88
N LYS B 114 -21.13 -26.51 -38.41
CA LYS B 114 -21.06 -27.57 -39.42
C LYS B 114 -20.35 -27.10 -40.69
N GLU B 115 -20.73 -25.92 -41.18
CA GLU B 115 -20.14 -25.40 -42.39
C GLU B 115 -18.63 -25.25 -42.27
N LEU B 116 -18.14 -24.89 -41.07
CA LEU B 116 -16.71 -24.65 -40.92
C LEU B 116 -15.95 -25.90 -40.48
N GLY B 117 -16.64 -27.03 -40.24
CA GLY B 117 -15.97 -28.30 -39.98
C GLY B 117 -15.56 -28.49 -38.51
N TYR B 118 -16.27 -27.87 -37.57
CA TYR B 118 -16.13 -28.22 -36.16
C TYR B 118 -16.77 -29.59 -35.96
N LYS B 119 -15.99 -30.61 -35.56
CA LYS B 119 -16.46 -31.99 -35.56
C LYS B 119 -17.53 -32.21 -34.51
N GLY B 120 -18.60 -32.97 -34.85
CA GLY B 120 -19.58 -33.48 -33.89
C GLY B 120 -20.93 -32.78 -33.97
N VAL B 121 -21.21 -32.09 -35.10
CA VAL B 121 -22.54 -31.53 -35.30
C VAL B 121 -23.39 -32.60 -35.97
N GLU B 122 -24.58 -32.88 -35.40
CA GLU B 122 -25.65 -33.55 -36.13
C GLU B 122 -25.29 -33.90 -37.60
N MET C 1 -18.59 -29.24 -7.87
N MET C 1 -18.36 -29.08 -8.19
CA MET C 1 -17.14 -29.30 -7.62
CA MET C 1 -16.93 -29.05 -7.77
C MET C 1 -16.78 -28.27 -6.55
C MET C 1 -16.78 -28.20 -6.51
N LYS C 2 -15.95 -28.66 -5.58
CA LYS C 2 -15.50 -27.80 -4.48
C LYS C 2 -13.97 -27.76 -4.43
N ILE C 3 -13.45 -26.64 -3.88
CA ILE C 3 -12.01 -26.43 -3.72
C ILE C 3 -11.81 -26.28 -2.23
N ASN C 4 -10.85 -26.99 -1.62
N ASN C 4 -10.78 -26.94 -1.66
CA ASN C 4 -10.75 -26.72 -0.20
CA ASN C 4 -10.53 -26.78 -0.23
C ASN C 4 -10.16 -25.31 -0.06
C ASN C 4 -9.92 -25.41 0.02
N ARG C 5 -10.29 -24.78 1.16
CA ARG C 5 -9.97 -23.39 1.45
C ARG C 5 -8.50 -23.06 1.27
N GLN C 6 -7.63 -24.02 1.60
CA GLN C 6 -6.20 -23.83 1.54
C GLN C 6 -5.82 -23.59 0.08
N GLN C 7 -6.33 -24.44 -0.81
CA GLN C 7 -5.98 -24.27 -2.22
C GLN C 7 -6.67 -23.03 -2.77
N TYR C 8 -7.91 -22.78 -2.29
CA TYR C 8 -8.61 -21.61 -2.80
C TYR C 8 -7.73 -20.37 -2.54
N ALA C 9 -7.28 -20.21 -1.27
CA ALA C 9 -6.54 -19.03 -0.84
C ALA C 9 -5.21 -18.92 -1.59
N GLU C 10 -4.55 -20.06 -1.89
N GLU C 10 -4.61 -20.09 -1.85
CA GLU C 10 -3.26 -19.93 -2.58
CA GLU C 10 -3.37 -20.21 -2.60
C GLU C 10 -3.40 -19.66 -4.08
C GLU C 10 -3.49 -19.55 -3.99
N SER C 11 -4.59 -19.82 -4.69
CA SER C 11 -4.82 -19.40 -6.06
C SER C 11 -5.43 -18.01 -6.16
N TYR C 12 -6.40 -17.63 -5.31
CA TYR C 12 -7.17 -16.41 -5.54
C TYR C 12 -6.99 -15.39 -4.41
N GLY C 13 -6.21 -15.74 -3.39
CA GLY C 13 -6.09 -14.93 -2.19
C GLY C 13 -7.21 -15.39 -1.27
N PRO C 14 -7.19 -14.99 0.02
CA PRO C 14 -8.15 -15.50 1.02
C PRO C 14 -9.59 -15.03 0.76
N THR C 15 -10.57 -15.70 1.39
CA THR C 15 -12.00 -15.37 1.27
C THR C 15 -12.64 -15.37 2.66
N VAL C 16 -13.94 -15.16 2.71
CA VAL C 16 -14.58 -14.75 3.96
C VAL C 16 -14.13 -15.69 5.08
N GLY C 17 -13.73 -15.08 6.22
CA GLY C 17 -13.40 -15.90 7.37
C GLY C 17 -11.94 -16.31 7.44
N ASP C 18 -11.22 -16.25 6.31
CA ASP C 18 -9.80 -16.59 6.38
C ASP C 18 -9.05 -15.43 7.06
N GLN C 19 -7.90 -15.72 7.70
CA GLN C 19 -7.11 -14.69 8.35
C GLN C 19 -5.69 -14.69 7.78
N VAL C 20 -5.04 -13.52 7.90
CA VAL C 20 -3.71 -13.33 7.34
C VAL C 20 -2.87 -12.63 8.40
N ARG C 21 -1.63 -13.12 8.60
CA ARG C 21 -0.73 -12.48 9.53
C ARG C 21 -0.09 -11.24 8.89
N LEU C 22 -0.04 -10.11 9.63
CA LEU C 22 0.62 -8.90 9.10
C LEU C 22 2.14 -9.01 9.35
N ALA C 23 2.91 -9.21 8.26
CA ALA C 23 4.35 -9.38 8.37
C ALA C 23 4.65 -10.44 9.44
N ASP C 24 5.55 -10.09 10.37
CA ASP C 24 6.01 -10.99 11.42
C ASP C 24 5.47 -10.50 12.76
N THR C 25 4.38 -9.69 12.74
CA THR C 25 3.73 -9.29 14.00
C THR C 25 2.77 -10.39 14.48
N ASP C 26 2.11 -10.28 15.65
N ASP C 26 2.11 -10.12 15.62
CA ASP C 26 1.04 -11.24 15.99
CA ASP C 26 1.09 -10.98 16.21
C ASP C 26 -0.35 -10.70 15.62
C ASP C 26 -0.32 -10.60 15.72
N LEU C 27 -0.43 -9.73 14.69
CA LEU C 27 -1.71 -9.19 14.27
C LEU C 27 -2.30 -10.01 13.10
N TRP C 28 -3.58 -10.40 13.22
CA TRP C 28 -4.30 -11.16 12.20
C TRP C 28 -5.48 -10.32 11.71
N ILE C 29 -5.59 -10.19 10.39
CA ILE C 29 -6.75 -9.56 9.80
C ILE C 29 -7.60 -10.68 9.17
N GLU C 30 -8.91 -10.48 9.23
CA GLU C 30 -9.84 -11.47 8.72
C GLU C 30 -10.72 -10.83 7.63
N VAL C 31 -10.86 -11.51 6.48
CA VAL C 31 -11.73 -11.14 5.37
C VAL C 31 -13.17 -11.05 5.87
N GLU C 32 -13.83 -9.87 5.74
CA GLU C 32 -15.14 -9.68 6.36
C GLU C 32 -16.24 -10.06 5.38
N LYS C 33 -15.94 -9.86 4.09
CA LYS C 33 -16.82 -10.29 3.01
C LYS C 33 -16.03 -10.26 1.72
N ASP C 34 -16.66 -10.75 0.65
CA ASP C 34 -15.99 -10.96 -0.62
C ASP C 34 -17.01 -10.66 -1.71
N TYR C 35 -16.61 -9.87 -2.72
CA TYR C 35 -17.55 -9.39 -3.71
C TYR C 35 -17.65 -10.40 -4.85
N THR C 36 -16.91 -11.53 -4.78
CA THR C 36 -16.69 -12.36 -5.97
C THR C 36 -17.96 -13.21 -6.20
N THR C 37 -18.02 -13.88 -7.34
CA THR C 37 -18.94 -14.99 -7.55
C THR C 37 -18.07 -16.24 -7.72
N TYR C 38 -18.19 -17.20 -6.78
CA TYR C 38 -17.23 -18.29 -6.74
C TYR C 38 -17.28 -19.09 -8.03
N GLY C 39 -16.12 -19.19 -8.69
CA GLY C 39 -16.01 -19.83 -9.98
C GLY C 39 -15.95 -18.83 -11.14
N ASP C 40 -16.33 -17.56 -10.88
CA ASP C 40 -16.18 -16.51 -11.88
C ASP C 40 -15.05 -15.51 -11.51
N GLU C 41 -14.14 -15.88 -10.60
CA GLU C 41 -13.05 -14.98 -10.21
C GLU C 41 -12.27 -14.51 -11.44
N ALA C 42 -11.80 -13.26 -11.43
CA ALA C 42 -11.00 -12.80 -12.58
C ALA C 42 -9.53 -13.12 -12.32
N ASN C 43 -8.74 -13.32 -13.39
CA ASN C 43 -7.32 -13.63 -13.31
C ASN C 43 -6.80 -13.51 -14.74
N PHE C 44 -5.46 -13.45 -14.88
CA PHE C 44 -4.83 -13.07 -16.13
C PHE C 44 -3.64 -13.97 -16.39
N GLY C 45 -3.49 -14.49 -17.62
CA GLY C 45 -2.31 -15.24 -18.03
C GLY C 45 -2.72 -16.28 -19.07
N GLY C 46 -1.83 -17.26 -19.37
CA GLY C 46 -2.09 -18.25 -20.41
C GLY C 46 -3.27 -19.14 -19.99
N GLY C 47 -4.28 -19.29 -20.87
CA GLY C 47 -5.47 -20.10 -20.58
C GLY C 47 -6.30 -19.61 -19.41
N LYS C 48 -6.12 -18.33 -19.03
CA LYS C 48 -6.91 -17.82 -17.91
C LYS C 48 -8.15 -17.08 -18.42
N VAL C 49 -8.79 -16.42 -17.48
CA VAL C 49 -10.16 -15.97 -17.63
C VAL C 49 -10.23 -14.67 -18.42
N LEU C 50 -9.31 -13.71 -18.21
CA LEU C 50 -9.46 -12.39 -18.85
C LEU C 50 -8.90 -12.46 -20.27
N ARG C 51 -9.67 -13.11 -21.13
CA ARG C 51 -9.36 -13.33 -22.54
C ARG C 51 -10.61 -12.99 -23.36
N GLU C 52 -10.38 -12.49 -24.57
CA GLU C 52 -11.43 -11.95 -25.45
C GLU C 52 -12.52 -13.00 -25.67
N GLY C 53 -13.78 -12.57 -25.42
CA GLY C 53 -14.98 -13.37 -25.55
C GLY C 53 -15.31 -14.17 -24.29
N MET C 54 -14.41 -14.11 -23.32
CA MET C 54 -14.56 -14.89 -22.10
C MET C 54 -14.69 -13.88 -20.94
N GLY C 55 -13.75 -13.83 -19.98
CA GLY C 55 -13.79 -12.81 -18.92
C GLY C 55 -13.47 -11.39 -19.44
N GLU C 56 -12.86 -11.29 -20.66
CA GLU C 56 -12.64 -10.00 -21.33
C GLU C 56 -13.71 -9.81 -22.41
N ASN C 57 -14.48 -8.71 -22.28
CA ASN C 57 -15.46 -8.27 -23.27
C ASN C 57 -14.77 -7.73 -24.52
N GLY C 58 -15.20 -8.22 -25.69
CA GLY C 58 -14.63 -7.90 -26.98
C GLY C 58 -15.44 -6.86 -27.75
N THR C 59 -16.53 -6.37 -27.13
CA THR C 59 -17.51 -5.56 -27.86
C THR C 59 -17.28 -4.06 -27.58
N TYR C 60 -17.13 -3.67 -26.30
CA TYR C 60 -17.33 -2.31 -25.82
C TYR C 60 -16.08 -1.43 -25.99
N THR C 61 -16.29 -0.20 -26.48
CA THR C 61 -15.22 0.79 -26.50
C THR C 61 -14.94 1.27 -25.09
N ARG C 62 -13.85 2.04 -24.94
CA ARG C 62 -13.42 2.37 -23.58
C ARG C 62 -14.51 3.11 -22.81
N THR C 63 -15.33 3.94 -23.48
N THR C 63 -15.23 4.03 -23.50
CA THR C 63 -16.35 4.70 -22.75
CA THR C 63 -16.08 5.02 -22.83
C THR C 63 -17.48 3.80 -22.25
C THR C 63 -17.34 4.39 -22.22
N GLU C 64 -17.65 2.62 -22.86
N GLU C 64 -17.78 3.26 -22.80
CA GLU C 64 -18.82 1.81 -22.57
CA GLU C 64 -18.95 2.55 -22.28
C GLU C 64 -18.61 1.04 -21.27
C GLU C 64 -18.53 1.37 -21.40
N ASN C 65 -18.37 1.73 -20.13
CA ASN C 65 -18.25 0.94 -18.91
C ASN C 65 -16.97 0.11 -18.78
N VAL C 66 -15.95 0.37 -19.61
CA VAL C 66 -14.74 -0.41 -19.65
C VAL C 66 -13.68 0.25 -18.78
N LEU C 67 -12.89 -0.56 -18.05
CA LEU C 67 -11.89 -0.05 -17.11
C LEU C 67 -10.59 0.22 -17.86
N ASP C 68 -9.80 1.17 -17.36
CA ASP C 68 -8.40 1.29 -17.80
C ASP C 68 -7.49 0.27 -17.11
N LEU C 69 -7.83 -0.17 -15.88
CA LEU C 69 -7.01 -1.03 -15.04
C LEU C 69 -7.93 -1.78 -14.09
N LEU C 70 -7.72 -3.11 -13.99
CA LEU C 70 -8.36 -3.90 -12.95
C LEU C 70 -7.27 -4.52 -12.06
N LEU C 71 -7.33 -4.27 -10.73
CA LEU C 71 -6.58 -5.05 -9.77
C LEU C 71 -7.47 -6.25 -9.41
N THR C 72 -7.02 -7.49 -9.71
CA THR C 72 -7.88 -8.64 -9.45
C THR C 72 -7.67 -9.20 -8.04
N ASN C 73 -8.76 -9.60 -7.34
CA ASN C 73 -8.66 -10.39 -6.11
C ASN C 73 -7.86 -9.68 -5.00
N ALA C 74 -8.15 -8.39 -4.76
CA ALA C 74 -7.38 -7.65 -3.77
C ALA C 74 -7.97 -7.89 -2.39
N LEU C 75 -7.09 -8.04 -1.38
CA LEU C 75 -7.52 -8.00 0.01
C LEU C 75 -7.28 -6.56 0.48
N ILE C 76 -8.38 -5.82 0.64
CA ILE C 76 -8.36 -4.41 0.97
C ILE C 76 -8.32 -4.28 2.48
N LEU C 77 -7.38 -3.46 2.95
CA LEU C 77 -7.39 -3.09 4.36
C LEU C 77 -7.54 -1.58 4.46
N ASP C 78 -8.66 -1.12 5.01
CA ASP C 78 -9.07 0.27 4.88
C ASP C 78 -9.94 0.61 6.10
N TYR C 79 -10.15 1.90 6.39
CA TYR C 79 -11.02 2.24 7.52
C TYR C 79 -12.44 1.74 7.22
N THR C 80 -12.76 1.65 5.94
CA THR C 80 -14.11 1.28 5.54
C THR C 80 -14.35 -0.23 5.63
N GLY C 81 -13.33 -1.05 5.89
CA GLY C 81 -13.55 -2.49 5.97
C GLY C 81 -12.28 -3.27 5.60
N ILE C 82 -12.25 -4.55 5.95
CA ILE C 82 -11.22 -5.50 5.51
C ILE C 82 -11.93 -6.60 4.75
N TYR C 83 -11.76 -6.60 3.42
CA TYR C 83 -12.63 -7.40 2.55
C TYR C 83 -11.95 -7.67 1.21
N LYS C 84 -12.50 -8.62 0.48
CA LYS C 84 -12.01 -9.10 -0.80
C LYS C 84 -12.83 -8.51 -1.96
N ALA C 85 -12.13 -7.91 -2.94
CA ALA C 85 -12.81 -7.34 -4.10
C ALA C 85 -11.80 -7.06 -5.22
N ASP C 86 -12.33 -6.91 -6.42
CA ASP C 86 -11.57 -6.39 -7.54
C ASP C 86 -11.66 -4.89 -7.48
N ILE C 87 -10.60 -4.20 -7.92
CA ILE C 87 -10.64 -2.73 -7.87
C ILE C 87 -10.47 -2.24 -9.29
N GLY C 88 -11.41 -1.41 -9.78
CA GLY C 88 -11.34 -0.91 -11.15
C GLY C 88 -10.98 0.58 -11.15
N VAL C 89 -10.09 0.95 -12.06
CA VAL C 89 -9.60 2.31 -12.12
C VAL C 89 -9.84 2.83 -13.54
N LYS C 90 -10.13 4.15 -13.66
CA LYS C 90 -10.36 4.78 -14.96
C LYS C 90 -10.11 6.28 -14.82
N ASP C 91 -9.47 6.88 -15.81
CA ASP C 91 -9.04 8.27 -15.77
C ASP C 91 -8.25 8.59 -14.49
N GLY C 92 -7.54 7.60 -13.95
CA GLY C 92 -6.63 7.80 -12.82
C GLY C 92 -7.34 7.76 -11.47
N TYR C 93 -8.65 7.42 -11.46
CA TYR C 93 -9.45 7.37 -10.23
C TYR C 93 -10.02 5.94 -10.04
N ILE C 94 -10.31 5.63 -8.79
CA ILE C 94 -11.02 4.40 -8.45
C ILE C 94 -12.49 4.58 -8.86
N VAL C 95 -13.00 3.80 -9.82
CA VAL C 95 -14.38 3.99 -10.26
C VAL C 95 -15.28 2.86 -9.73
N GLY C 96 -14.70 1.72 -9.38
CA GLY C 96 -15.52 0.58 -9.02
C GLY C 96 -14.79 -0.31 -8.03
N ILE C 97 -15.45 -0.72 -6.93
CA ILE C 97 -14.89 -1.75 -6.07
C ILE C 97 -15.96 -2.85 -6.03
N GLY C 98 -15.64 -4.05 -6.51
CA GLY C 98 -16.68 -5.04 -6.69
C GLY C 98 -16.12 -6.24 -7.43
N LYS C 99 -16.68 -6.51 -8.61
CA LYS C 99 -16.39 -7.76 -9.28
C LYS C 99 -16.21 -7.41 -10.77
N GLY C 100 -15.01 -7.62 -11.31
CA GLY C 100 -14.73 -7.18 -12.67
C GLY C 100 -14.78 -8.35 -13.65
N GLY C 101 -15.03 -8.06 -14.92
CA GLY C 101 -15.02 -9.13 -15.90
C GLY C 101 -15.97 -8.82 -17.05
N ASN C 102 -16.75 -9.82 -17.50
CA ASN C 102 -17.50 -9.68 -18.73
C ASN C 102 -18.96 -10.08 -18.48
N PRO C 103 -19.95 -9.16 -18.56
CA PRO C 103 -21.36 -9.50 -18.26
C PRO C 103 -21.94 -10.37 -19.36
N ASP C 104 -21.24 -10.52 -20.50
CA ASP C 104 -21.62 -11.50 -21.50
C ASP C 104 -21.87 -12.87 -20.87
N ILE C 105 -20.97 -13.34 -19.98
CA ILE C 105 -20.90 -14.74 -19.59
C ILE C 105 -20.76 -14.93 -18.09
N MET C 106 -20.55 -13.85 -17.31
CA MET C 106 -20.25 -14.02 -15.89
C MET C 106 -21.39 -13.42 -15.08
N ASP C 107 -21.71 -14.07 -13.96
CA ASP C 107 -22.67 -13.48 -13.06
C ASP C 107 -21.98 -12.44 -12.16
N GLY C 108 -22.78 -11.48 -11.66
CA GLY C 108 -22.39 -10.66 -10.52
C GLY C 108 -21.37 -9.56 -10.87
N VAL C 109 -21.22 -9.19 -12.15
CA VAL C 109 -20.20 -8.24 -12.59
C VAL C 109 -20.70 -6.81 -12.31
N THR C 110 -19.98 -6.03 -11.49
CA THR C 110 -20.32 -4.63 -11.24
C THR C 110 -20.40 -3.89 -12.57
N PRO C 111 -21.52 -3.18 -12.87
CA PRO C 111 -21.81 -2.70 -14.22
C PRO C 111 -20.72 -1.84 -14.89
N ASN C 112 -19.98 -1.04 -14.12
CA ASN C 112 -18.94 -0.19 -14.70
C ASN C 112 -17.54 -0.84 -14.54
N MET C 113 -17.45 -2.17 -14.33
CA MET C 113 -16.14 -2.81 -14.17
C MET C 113 -15.95 -3.89 -15.24
N ILE C 114 -16.22 -3.50 -16.49
CA ILE C 114 -15.98 -4.42 -17.58
C ILE C 114 -14.50 -4.39 -17.94
N VAL C 115 -13.92 -5.60 -18.05
CA VAL C 115 -12.62 -5.77 -18.69
C VAL C 115 -12.84 -5.79 -20.19
N GLY C 116 -12.21 -4.83 -20.86
CA GLY C 116 -12.37 -4.73 -22.30
C GLY C 116 -11.00 -4.62 -22.96
N THR C 117 -10.98 -4.26 -24.24
CA THR C 117 -9.71 -4.10 -24.95
C THR C 117 -8.84 -3.04 -24.26
N ALA C 118 -9.46 -2.02 -23.64
CA ALA C 118 -8.71 -0.92 -23.07
C ALA C 118 -8.11 -1.25 -21.69
N THR C 119 -8.37 -2.45 -21.15
CA THR C 119 -8.02 -2.75 -19.76
C THR C 119 -6.66 -3.43 -19.60
N GLU C 120 -5.85 -2.85 -18.67
CA GLU C 120 -4.59 -3.38 -18.13
C GLU C 120 -4.95 -4.19 -16.89
N VAL C 121 -4.15 -5.20 -16.56
CA VAL C 121 -4.46 -6.03 -15.39
C VAL C 121 -3.27 -6.03 -14.44
N ILE C 122 -3.58 -5.83 -13.16
CA ILE C 122 -2.62 -6.11 -12.08
C ILE C 122 -3.22 -7.23 -11.24
N ALA C 123 -2.47 -8.33 -11.07
CA ALA C 123 -2.96 -9.45 -10.24
C ALA C 123 -2.67 -9.09 -8.77
N ALA C 124 -3.72 -8.92 -7.95
CA ALA C 124 -3.53 -8.66 -6.53
C ALA C 124 -3.92 -9.88 -5.67
N GLU C 125 -4.19 -11.06 -6.28
CA GLU C 125 -4.45 -12.25 -5.46
C GLU C 125 -3.22 -12.55 -4.59
N GLY C 126 -3.45 -12.68 -3.29
CA GLY C 126 -2.38 -12.99 -2.36
C GLY C 126 -1.73 -11.71 -1.85
N LYS C 127 -2.21 -10.55 -2.33
CA LYS C 127 -1.64 -9.29 -1.79
C LYS C 127 -2.65 -8.60 -0.89
N ILE C 128 -2.14 -7.76 0.02
CA ILE C 128 -2.95 -6.78 0.71
C ILE C 128 -2.84 -5.43 -0.02
N VAL C 129 -3.99 -4.74 -0.23
CA VAL C 129 -3.99 -3.46 -0.93
C VAL C 129 -4.47 -2.39 0.05
N THR C 130 -3.68 -1.33 0.23
CA THR C 130 -4.17 -0.20 1.05
C THR C 130 -4.11 1.11 0.25
N ALA C 131 -4.82 2.10 0.78
CA ALA C 131 -4.58 3.48 0.34
C ALA C 131 -3.10 3.82 0.54
N GLY C 132 -2.61 4.75 -0.29
CA GLY C 132 -1.32 5.39 -0.03
C GLY C 132 -1.31 6.18 1.28
N GLY C 133 -0.17 6.18 1.97
CA GLY C 133 -0.06 6.87 3.25
C GLY C 133 0.02 8.37 3.05
N ILE C 134 -0.55 9.10 4.02
CA ILE C 134 -0.60 10.54 3.89
C ILE C 134 0.23 11.07 5.05
N ASP C 135 1.39 11.66 4.70
CA ASP C 135 2.31 12.17 5.71
C ASP C 135 2.15 13.68 5.76
N THR C 136 1.68 14.18 6.90
CA THR C 136 1.32 15.59 6.98
C THR C 136 2.35 16.31 7.84
N HIS C 137 3.46 15.64 8.20
CA HIS C 137 4.51 16.38 8.89
C HIS C 137 5.83 16.20 8.13
N VAL C 138 5.97 16.79 6.92
CA VAL C 138 7.18 16.58 6.13
C VAL C 138 8.06 17.81 6.09
N HIS C 139 9.36 17.68 6.35
CA HIS C 139 10.31 18.76 6.10
C HIS C 139 10.98 18.50 4.74
N PHE C 140 10.85 19.44 3.80
CA PHE C 140 11.44 19.25 2.49
C PHE C 140 12.89 19.73 2.59
N ILE C 141 13.78 18.75 2.81
CA ILE C 141 15.16 19.07 3.17
C ILE C 141 16.11 18.43 2.15
N ASN C 142 15.77 17.25 1.65
CA ASN C 142 16.67 16.59 0.72
C ASN C 142 15.79 15.79 -0.24
N PRO C 143 15.84 16.03 -1.58
CA PRO C 143 14.96 15.33 -2.52
C PRO C 143 15.05 13.79 -2.48
N ASP C 144 16.19 13.27 -1.97
CA ASP C 144 16.34 11.82 -1.81
C ASP C 144 15.28 11.25 -0.85
N GLN C 145 14.64 12.12 -0.04
CA GLN C 145 13.60 11.69 0.90
C GLN C 145 12.35 11.10 0.22
N VAL C 146 12.14 11.38 -1.06
CA VAL C 146 10.90 10.98 -1.72
C VAL C 146 10.87 9.48 -1.94
N ASP C 147 11.95 8.91 -2.49
CA ASP C 147 11.97 7.46 -2.68
C ASP C 147 11.87 6.71 -1.34
N VAL C 148 12.50 7.23 -0.27
CA VAL C 148 12.40 6.67 1.08
C VAL C 148 10.91 6.53 1.50
N ALA C 149 10.16 7.60 1.25
CA ALA C 149 8.73 7.64 1.58
C ALA C 149 7.95 6.63 0.69
N LEU C 150 8.18 6.64 -0.63
CA LEU C 150 7.52 5.69 -1.52
C LEU C 150 7.79 4.23 -1.10
N ALA C 151 9.05 3.93 -0.72
CA ALA C 151 9.41 2.53 -0.46
C ALA C 151 8.61 1.98 0.74
N ASN C 152 8.20 2.87 1.65
CA ASN C 152 7.38 2.44 2.78
C ASN C 152 5.91 2.78 2.57
N GLY C 153 5.45 3.00 1.32
CA GLY C 153 4.01 3.06 1.06
C GLY C 153 3.35 4.43 1.31
N ILE C 154 4.14 5.52 1.32
CA ILE C 154 3.60 6.88 1.42
C ILE C 154 3.43 7.52 0.03
N THR C 155 2.28 8.18 -0.22
CA THR C 155 2.00 8.72 -1.54
C THR C 155 1.69 10.21 -1.53
N THR C 156 1.57 10.82 -0.34
CA THR C 156 1.29 12.25 -0.27
C THR C 156 2.19 12.83 0.82
N LEU C 157 2.91 13.92 0.51
CA LEU C 157 3.72 14.63 1.49
C LEU C 157 3.15 16.02 1.72
N PHE C 158 2.73 16.33 2.95
CA PHE C 158 2.31 17.67 3.29
C PHE C 158 3.30 18.20 4.30
N GLY C 159 3.77 19.43 4.07
CA GLY C 159 4.78 19.98 4.96
C GLY C 159 5.40 21.20 4.31
N GLY C 160 6.66 21.47 4.63
CA GLY C 160 7.26 22.69 4.12
C GLY C 160 8.77 22.59 4.11
N GLY C 161 9.40 23.51 3.38
CA GLY C 161 10.86 23.58 3.36
C GLY C 161 11.43 23.98 2.01
N THR C 162 12.65 24.52 1.99
CA THR C 162 13.27 24.95 0.74
C THR C 162 14.53 24.13 0.43
N GLY C 163 14.71 22.99 1.14
CA GLY C 163 15.96 22.25 1.22
C GLY C 163 16.69 22.50 2.55
N PRO C 164 18.01 22.22 2.65
CA PRO C 164 18.69 22.24 3.96
C PRO C 164 19.12 23.62 4.44
N ALA C 165 18.12 24.53 4.47
CA ALA C 165 18.19 25.83 5.10
C ALA C 165 17.80 25.60 6.56
N GLU C 166 18.41 26.33 7.52
CA GLU C 166 18.12 26.10 8.93
C GLU C 166 16.62 26.28 9.23
N GLY C 167 15.94 27.21 8.55
CA GLY C 167 14.50 27.35 8.80
C GLY C 167 13.73 26.06 8.52
N SER C 168 14.05 25.45 7.36
CA SER C 168 13.41 24.24 6.86
C SER C 168 13.84 23.02 7.66
N LYS C 169 15.10 23.08 8.12
CA LYS C 169 15.66 22.00 8.93
C LYS C 169 14.98 21.97 10.30
N ALA C 170 14.45 23.09 10.79
CA ALA C 170 13.75 23.09 12.08
C ALA C 170 12.22 22.99 11.91
N THR C 171 11.66 23.60 10.83
CA THR C 171 10.21 23.82 10.75
C THR C 171 9.66 23.40 9.39
N THR C 172 8.41 22.88 9.37
CA THR C 172 7.72 22.54 8.12
C THR C 172 7.14 23.80 7.47
N VAL C 173 8.01 24.69 6.98
CA VAL C 173 7.61 26.01 6.54
C VAL C 173 8.30 26.30 5.20
N THR C 174 7.53 26.71 4.19
CA THR C 174 8.08 27.36 3.01
C THR C 174 7.66 28.83 3.15
N PRO C 175 8.54 29.76 3.56
CA PRO C 175 8.06 31.11 3.87
C PRO C 175 7.86 32.08 2.70
N GLY C 176 6.67 32.69 2.65
CA GLY C 176 6.51 33.82 1.77
C GLY C 176 6.20 33.46 0.32
N PRO C 177 5.61 34.42 -0.45
CA PRO C 177 5.24 34.18 -1.84
C PRO C 177 6.33 33.61 -2.72
N TRP C 178 7.55 34.12 -2.63
CA TRP C 178 8.58 33.69 -3.60
C TRP C 178 9.08 32.27 -3.28
N ASN C 179 9.35 31.99 -1.98
CA ASN C 179 9.80 30.62 -1.63
C ASN C 179 8.71 29.62 -2.04
N ILE C 180 7.44 29.98 -1.83
CA ILE C 180 6.33 29.07 -2.14
C ILE C 180 6.28 28.82 -3.66
N GLU C 181 6.42 29.87 -4.47
CA GLU C 181 6.47 29.76 -5.92
C GLU C 181 7.59 28.82 -6.37
N LYS C 182 8.80 29.06 -5.84
CA LYS C 182 9.95 28.25 -6.21
C LYS C 182 9.68 26.77 -5.89
N MET C 183 9.12 26.48 -4.71
CA MET C 183 8.90 25.09 -4.33
C MET C 183 7.72 24.44 -5.08
N LEU C 184 6.74 25.25 -5.53
CA LEU C 184 5.68 24.71 -6.36
C LEU C 184 6.31 24.25 -7.69
N LYS C 185 7.29 25.03 -8.17
N LYS C 185 7.29 25.02 -8.16
CA LYS C 185 7.94 24.66 -9.42
CA LYS C 185 7.98 24.71 -9.42
C LYS C 185 8.83 23.43 -9.26
C LYS C 185 8.89 23.48 -9.28
N SER C 186 9.53 23.35 -8.11
CA SER C 186 10.33 22.18 -7.75
C SER C 186 9.44 20.94 -7.73
N THR C 187 8.27 21.08 -7.08
CA THR C 187 7.29 20.01 -6.96
C THR C 187 6.95 19.33 -8.28
N GLU C 188 7.06 20.07 -9.38
CA GLU C 188 6.80 19.53 -10.74
C GLU C 188 7.64 18.29 -11.01
N GLY C 189 8.80 18.18 -10.32
CA GLY C 189 9.77 17.10 -10.52
C GLY C 189 9.72 16.01 -9.43
N LEU C 190 8.76 16.00 -8.49
CA LEU C 190 8.84 15.09 -7.36
C LEU C 190 7.75 14.05 -7.55
N PRO C 191 8.02 12.73 -7.65
CA PRO C 191 6.98 11.77 -8.00
C PRO C 191 6.16 11.36 -6.79
N ILE C 192 5.48 12.33 -6.17
CA ILE C 192 4.62 12.03 -5.04
C ILE C 192 3.62 13.19 -4.95
N ASN C 193 2.46 13.03 -4.30
CA ASN C 193 1.57 14.19 -4.17
C ASN C 193 2.21 15.15 -3.15
N VAL C 194 1.98 16.47 -3.27
CA VAL C 194 2.58 17.44 -2.33
C VAL C 194 1.56 18.51 -1.94
N GLY C 195 1.62 18.99 -0.68
CA GLY C 195 0.96 20.24 -0.32
C GLY C 195 1.95 21.04 0.54
N ILE C 196 1.98 22.37 0.40
CA ILE C 196 3.06 23.15 1.01
C ILE C 196 2.48 24.05 2.11
N LEU C 197 3.12 24.13 3.27
CA LEU C 197 2.65 25.00 4.34
C LEU C 197 3.46 26.29 4.35
N GLY C 198 2.77 27.43 4.50
CA GLY C 198 3.48 28.68 4.75
C GLY C 198 3.78 28.89 6.23
N LYS C 199 4.52 29.97 6.52
CA LYS C 199 4.87 30.35 7.89
C LYS C 199 3.63 30.92 8.61
N GLY C 200 3.14 30.23 9.64
CA GLY C 200 2.00 30.71 10.43
C GLY C 200 2.40 31.72 11.50
N HIS C 201 3.01 32.85 11.09
CA HIS C 201 3.62 33.79 12.00
C HIS C 201 3.48 35.22 11.47
N GLY C 202 3.10 36.13 12.37
CA GLY C 202 2.80 37.50 11.99
C GLY C 202 1.82 38.15 12.97
N SER C 203 1.78 39.50 13.02
CA SER C 203 0.79 40.18 13.86
C SER C 203 -0.21 41.00 13.03
N SER C 204 0.03 41.09 11.71
CA SER C 204 -0.94 41.55 10.71
C SER C 204 -1.35 40.36 9.85
N ILE C 205 -2.55 40.45 9.28
CA ILE C 205 -3.17 39.41 8.46
C ILE C 205 -2.43 39.26 7.14
N ALA C 206 -2.06 40.37 6.52
CA ALA C 206 -1.69 40.35 5.11
C ALA C 206 -0.41 39.56 4.88
N PRO C 207 0.69 39.74 5.68
CA PRO C 207 1.93 38.97 5.47
C PRO C 207 1.68 37.47 5.49
N ILE C 208 0.66 37.02 6.26
CA ILE C 208 0.33 35.61 6.33
C ILE C 208 -0.53 35.19 5.14
N MET C 209 -1.64 35.90 4.94
CA MET C 209 -2.63 35.59 3.92
C MET C 209 -1.91 35.58 2.56
N GLU C 210 -0.90 36.44 2.36
CA GLU C 210 -0.38 36.47 1.00
C GLU C 210 0.28 35.13 0.60
N GLN C 211 0.61 34.31 1.60
CA GLN C 211 1.21 33.01 1.31
C GLN C 211 0.13 32.03 0.83
N ILE C 212 -1.08 32.14 1.40
CA ILE C 212 -2.15 31.29 0.94
C ILE C 212 -2.46 31.62 -0.53
N ASP C 213 -2.53 32.92 -0.83
CA ASP C 213 -2.87 33.38 -2.16
C ASP C 213 -1.80 32.95 -3.17
N ALA C 214 -0.53 32.82 -2.72
CA ALA C 214 0.58 32.43 -3.59
C ALA C 214 0.58 30.93 -3.91
N GLY C 215 -0.21 30.14 -3.18
CA GLY C 215 -0.29 28.71 -3.47
C GLY C 215 -0.08 27.76 -2.28
N ALA C 216 0.25 28.26 -1.07
CA ALA C 216 0.33 27.39 0.09
C ALA C 216 -1.01 26.68 0.30
N ALA C 217 -0.96 25.46 0.86
CA ALA C 217 -2.11 24.61 1.13
C ALA C 217 -2.50 24.62 2.61
N GLY C 218 -1.80 25.44 3.43
CA GLY C 218 -2.02 25.41 4.87
C GLY C 218 -0.92 26.23 5.55
N LEU C 219 -0.93 26.27 6.89
CA LEU C 219 0.13 26.99 7.60
C LEU C 219 0.69 26.12 8.73
N KCX C 220 1.91 26.49 9.17
CA KCX C 220 2.55 25.83 10.29
CB KCX C 220 3.84 25.13 9.83
CG KCX C 220 4.74 24.71 11.02
CD KCX C 220 4.16 23.47 11.75
CE KCX C 220 5.08 22.89 12.82
NZ KCX C 220 6.26 22.24 12.27
C KCX C 220 2.96 26.92 11.28
O KCX C 220 3.67 27.86 10.89
CX KCX C 220 7.08 21.40 13.00
OQ1 KCX C 220 8.12 20.96 12.33
OQ2 KCX C 220 6.89 21.05 14.16
N ILE C 221 2.42 26.82 12.53
CA ILE C 221 2.91 27.66 13.62
C ILE C 221 4.05 26.85 14.28
N HIS C 222 5.26 27.46 14.41
CA HIS C 222 6.36 26.79 15.05
C HIS C 222 7.01 27.73 16.05
N GLU C 223 7.30 27.19 17.24
CA GLU C 223 7.94 27.95 18.31
C GLU C 223 9.20 28.66 17.82
N ASP C 224 9.92 28.07 16.82
CA ASP C 224 11.19 28.68 16.47
C ASP C 224 10.97 29.98 15.69
N TRP C 225 9.73 30.24 15.21
CA TRP C 225 9.38 31.49 14.55
C TRP C 225 8.61 32.40 15.52
N GLY C 226 8.34 31.91 16.73
CA GLY C 226 7.58 32.61 17.75
C GLY C 226 6.17 32.05 17.86
N ALA C 227 5.93 30.96 18.60
CA ALA C 227 4.57 30.42 18.73
C ALA C 227 3.80 31.22 19.79
N THR C 228 3.69 32.53 19.56
CA THR C 228 3.05 33.45 20.50
C THR C 228 1.54 33.49 20.35
N PRO C 229 0.79 34.04 21.36
CA PRO C 229 -0.66 34.24 21.19
C PRO C 229 -0.97 35.01 19.91
N ALA C 230 -0.11 35.97 19.48
CA ALA C 230 -0.50 36.73 18.30
C ALA C 230 -0.43 35.85 17.04
N SER C 231 0.70 35.15 16.85
CA SER C 231 0.88 34.33 15.64
C SER C 231 -0.17 33.21 15.60
N ILE C 232 -0.51 32.63 16.75
CA ILE C 232 -1.57 31.62 16.76
C ILE C 232 -2.88 32.23 16.26
N ASP C 233 -3.25 33.38 16.82
CA ASP C 233 -4.54 34.02 16.53
C ASP C 233 -4.64 34.42 15.05
N ARG C 234 -3.61 35.15 14.56
CA ARG C 234 -3.61 35.60 13.18
C ARG C 234 -3.69 34.42 12.20
N SER C 235 -2.94 33.35 12.49
CA SER C 235 -2.94 32.18 11.59
C SER C 235 -4.32 31.55 11.53
N LEU C 236 -4.99 31.45 12.68
CA LEU C 236 -6.29 30.78 12.66
C LEU C 236 -7.36 31.65 11.99
N THR C 237 -7.24 32.99 12.10
CA THR C 237 -8.11 33.91 11.39
C THR C 237 -7.91 33.74 9.86
N VAL C 238 -6.64 33.64 9.45
CA VAL C 238 -6.34 33.42 8.05
C VAL C 238 -6.97 32.08 7.63
N ALA C 239 -6.78 31.02 8.40
CA ALA C 239 -7.20 29.70 8.00
C ALA C 239 -8.71 29.60 7.93
N ASP C 240 -9.41 30.22 8.89
CA ASP C 240 -10.87 30.24 8.88
C ASP C 240 -11.35 30.98 7.60
N GLU C 241 -10.65 31.99 7.13
CA GLU C 241 -11.13 32.67 5.93
C GLU C 241 -10.76 31.91 4.65
N ALA C 242 -9.60 31.22 4.64
CA ALA C 242 -9.09 30.60 3.41
C ALA C 242 -9.48 29.12 3.32
N ASP C 243 -10.08 28.56 4.38
CA ASP C 243 -10.41 27.13 4.44
C ASP C 243 -9.19 26.21 4.22
N VAL C 244 -8.10 26.48 4.99
CA VAL C 244 -6.93 25.59 5.04
C VAL C 244 -6.63 25.19 6.47
N GLN C 245 -5.82 24.12 6.66
CA GLN C 245 -5.43 23.69 8.00
C GLN C 245 -4.19 24.44 8.51
N VAL C 246 -4.18 24.66 9.84
CA VAL C 246 -3.00 25.10 10.56
C VAL C 246 -2.49 23.92 11.40
N ALA C 247 -1.17 23.66 11.32
CA ALA C 247 -0.47 22.73 12.22
C ALA C 247 0.24 23.58 13.26
N ILE C 248 0.31 23.07 14.52
CA ILE C 248 1.03 23.78 15.56
C ILE C 248 2.08 22.89 16.24
N HIS C 249 3.29 23.46 16.43
CA HIS C 249 4.33 23.07 17.38
C HIS C 249 4.46 24.24 18.38
N SER C 250 3.93 24.03 19.58
CA SER C 250 3.70 25.15 20.51
C SER C 250 4.99 25.54 21.26
N ASP C 251 4.83 26.49 22.18
CA ASP C 251 5.94 27.15 22.88
C ASP C 251 6.39 26.23 24.02
N THR C 252 7.40 25.39 23.73
CA THR C 252 7.98 24.45 24.67
C THR C 252 8.48 25.19 25.92
N LEU C 253 9.07 26.36 25.71
CA LEU C 253 9.67 27.17 26.77
C LEU C 253 8.62 27.74 27.74
N ASN C 254 7.33 27.61 27.40
CA ASN C 254 6.26 28.33 28.09
C ASN C 254 6.54 29.82 28.26
N GLU C 255 7.23 30.47 27.29
CA GLU C 255 7.74 31.82 27.42
C GLU C 255 6.61 32.86 27.47
N ALA C 256 5.64 32.75 26.54
CA ALA C 256 4.56 33.73 26.49
C ALA C 256 3.30 33.15 27.12
N GLY C 257 3.33 31.86 27.50
CA GLY C 257 2.11 31.27 28.02
C GLY C 257 2.34 29.80 28.30
N PHE C 258 1.44 29.21 29.08
CA PHE C 258 1.40 27.77 29.27
C PHE C 258 0.39 27.16 28.31
N LEU C 259 0.19 25.85 28.41
CA LEU C 259 -0.75 25.21 27.49
C LEU C 259 -2.13 25.91 27.45
N GLU C 260 -2.72 26.19 28.63
CA GLU C 260 -4.00 26.91 28.73
C GLU C 260 -3.96 28.24 27.98
N ASP C 261 -2.84 28.97 27.98
CA ASP C 261 -2.76 30.17 27.15
C ASP C 261 -2.85 29.89 25.64
N THR C 262 -2.21 28.79 25.19
CA THR C 262 -2.28 28.43 23.77
C THR C 262 -3.72 28.05 23.41
N LEU C 263 -4.39 27.28 24.26
CA LEU C 263 -5.78 26.92 24.00
C LEU C 263 -6.68 28.15 23.96
N ARG C 264 -6.39 29.13 24.82
CA ARG C 264 -7.17 30.35 24.84
C ARG C 264 -6.98 31.12 23.52
N ALA C 265 -5.72 31.20 23.02
CA ALA C 265 -5.47 31.88 21.75
C ALA C 265 -6.22 31.15 20.61
N ILE C 266 -6.25 29.81 20.68
CA ILE C 266 -6.92 29.01 19.66
C ILE C 266 -8.42 29.29 19.69
N ASN C 267 -8.99 29.40 20.90
CA ASN C 267 -10.34 29.92 21.06
C ASN C 267 -11.38 29.00 20.41
N GLY C 268 -11.21 27.66 20.55
CA GLY C 268 -12.21 26.72 20.03
C GLY C 268 -12.07 26.43 18.52
N ARG C 269 -11.20 27.18 17.81
CA ARG C 269 -10.96 26.90 16.38
C ARG C 269 -10.23 25.57 16.17
N VAL C 270 -10.39 25.03 14.96
N VAL C 270 -10.41 24.97 14.99
CA VAL C 270 -9.77 23.78 14.51
CA VAL C 270 -9.80 23.65 14.74
C VAL C 270 -8.25 24.00 14.42
C VAL C 270 -8.35 23.83 14.27
N ILE C 271 -7.48 23.00 14.85
CA ILE C 271 -6.04 23.05 14.65
C ILE C 271 -5.51 21.61 14.69
N HIS C 272 -4.49 21.37 13.86
CA HIS C 272 -3.79 20.09 13.91
C HIS C 272 -2.61 20.23 14.89
N SER C 273 -2.62 19.44 15.96
CA SER C 273 -1.52 19.49 16.92
C SER C 273 -0.46 18.43 16.57
N PHE C 274 0.75 18.90 16.14
CA PHE C 274 1.84 18.03 15.69
C PHE C 274 2.46 17.36 16.92
N HIS C 275 3.08 16.17 16.71
CA HIS C 275 3.83 15.47 17.75
C HIS C 275 3.29 15.80 19.15
N VAL C 276 2.05 15.37 19.39
CA VAL C 276 1.27 15.83 20.54
C VAL C 276 1.91 15.36 21.85
N GLU C 277 2.73 14.29 21.80
CA GLU C 277 3.38 13.76 23.00
C GLU C 277 4.39 14.78 23.55
N GLY C 278 5.07 15.51 22.65
CA GLY C 278 5.89 16.61 23.12
C GLY C 278 7.41 16.44 23.04
N ALA C 279 7.94 15.20 22.93
CA ALA C 279 9.37 15.02 22.67
C ALA C 279 9.76 15.84 21.42
N GLY C 280 8.84 15.89 20.44
CA GLY C 280 9.09 16.58 19.18
C GLY C 280 8.95 18.10 19.29
N GLY C 281 8.40 18.54 20.43
CA GLY C 281 8.21 19.94 20.74
C GLY C 281 6.82 20.24 21.31
N GLY C 282 6.76 21.26 22.20
CA GLY C 282 5.50 21.80 22.71
C GLY C 282 5.54 22.00 24.22
N HIS C 283 4.65 22.89 24.74
CA HIS C 283 4.51 23.16 26.18
C HIS C 283 5.03 22.00 27.06
N ALA C 284 6.15 22.22 27.75
CA ALA C 284 6.72 21.27 28.70
C ALA C 284 6.00 21.44 30.05
N PRO C 285 5.47 20.37 30.74
CA PRO C 285 5.53 18.99 30.25
C PRO C 285 4.24 18.40 29.65
N ASP C 286 3.24 19.29 29.50
CA ASP C 286 1.84 18.86 29.47
C ASP C 286 1.15 18.99 28.10
N ILE C 287 1.90 19.25 27.02
N ILE C 287 1.92 19.18 27.01
CA ILE C 287 1.33 19.46 25.70
CA ILE C 287 1.37 19.46 25.69
C ILE C 287 0.33 18.34 25.35
C ILE C 287 0.48 18.31 25.20
N MET C 288 0.63 17.12 25.80
CA MET C 288 -0.12 15.96 25.32
C MET C 288 -1.61 16.07 25.70
N ALA C 289 -1.92 16.94 26.68
CA ALA C 289 -3.30 17.21 27.09
C ALA C 289 -4.16 17.79 25.94
N MET C 290 -3.49 18.37 24.93
N MET C 290 -3.50 18.37 24.93
CA MET C 290 -4.13 18.81 23.69
CA MET C 290 -4.18 18.84 23.73
C MET C 290 -5.05 17.74 23.13
C MET C 290 -5.04 17.75 23.09
N ALA C 291 -4.66 16.48 23.26
CA ALA C 291 -5.30 15.38 22.54
C ALA C 291 -6.67 15.04 23.12
N GLY C 292 -7.08 15.73 24.19
CA GLY C 292 -8.37 15.44 24.78
C GLY C 292 -9.46 16.36 24.23
N HIS C 293 -9.04 17.48 23.56
CA HIS C 293 -9.96 18.55 23.16
C HIS C 293 -10.71 18.25 21.85
N PRO C 294 -12.02 18.61 21.75
CA PRO C 294 -12.82 18.34 20.55
C PRO C 294 -12.40 19.14 19.30
N ASN C 295 -11.71 20.29 19.48
CA ASN C 295 -11.27 21.10 18.35
C ASN C 295 -9.84 20.75 17.90
N VAL C 296 -9.20 19.75 18.52
CA VAL C 296 -7.80 19.47 18.23
C VAL C 296 -7.74 18.20 17.37
N LEU C 297 -7.01 18.27 16.26
CA LEU C 297 -6.73 17.04 15.50
C LEU C 297 -5.29 16.65 15.83
N PRO C 298 -5.10 15.60 16.68
CA PRO C 298 -3.78 15.25 17.23
C PRO C 298 -3.04 14.17 16.46
N SER C 299 -1.78 14.50 16.06
CA SER C 299 -0.88 13.50 15.49
C SER C 299 0.36 13.28 16.38
N SER C 300 0.91 12.07 16.23
CA SER C 300 2.25 11.70 16.67
C SER C 300 3.19 11.83 15.48
N THR C 301 4.45 12.23 15.75
CA THR C 301 5.57 11.94 14.85
C THR C 301 6.14 10.57 15.25
N ASN C 302 7.09 10.01 14.46
CA ASN C 302 7.31 8.57 14.54
C ASN C 302 8.44 8.10 15.47
N PRO C 303 9.46 8.90 15.87
CA PRO C 303 10.57 8.34 16.67
C PRO C 303 10.22 7.86 18.07
N THR C 304 9.12 8.35 18.65
CA THR C 304 8.65 7.86 19.94
C THR C 304 7.79 6.63 19.75
N ARG C 305 7.60 6.19 18.48
CA ARG C 305 6.60 5.15 18.20
C ARG C 305 7.27 3.81 17.82
N PRO C 306 7.01 2.72 18.60
CA PRO C 306 6.33 2.81 19.91
C PRO C 306 7.41 2.86 20.98
N PHE C 307 7.05 2.62 22.24
CA PHE C 307 8.01 2.84 23.31
C PHE C 307 8.96 1.63 23.49
N THR C 308 10.28 1.82 23.29
CA THR C 308 11.22 0.70 23.32
C THR C 308 12.40 1.01 24.24
N VAL C 309 13.27 0.02 24.51
CA VAL C 309 14.37 0.16 25.48
C VAL C 309 15.39 1.20 25.05
N ASN C 310 15.57 1.42 23.73
CA ASN C 310 16.52 2.41 23.23
C ASN C 310 15.89 3.80 23.03
N THR C 311 14.56 3.92 23.13
CA THR C 311 13.87 5.16 22.77
C THR C 311 14.47 6.37 23.49
N ILE C 312 14.60 6.31 24.84
CA ILE C 312 14.98 7.46 25.66
C ILE C 312 16.44 7.83 25.38
N ASP C 313 17.30 6.81 25.35
CA ASP C 313 18.72 7.04 25.15
C ASP C 313 18.95 7.81 23.84
N GLU C 314 18.20 7.42 22.80
CA GLU C 314 18.41 8.00 21.47
C GLU C 314 17.86 9.42 21.48
N HIS C 315 16.75 9.66 22.23
CA HIS C 315 16.19 11.01 22.35
C HIS C 315 17.09 11.91 23.24
N LEU C 316 17.65 11.36 24.33
CA LEU C 316 18.69 12.03 25.08
C LEU C 316 19.89 12.37 24.18
N ASP C 317 20.40 11.40 23.41
CA ASP C 317 21.30 11.60 22.29
C ASP C 317 20.90 12.87 21.49
N MET C 318 19.65 12.88 20.96
N MET C 318 19.65 12.88 20.98
CA MET C 318 19.07 13.91 20.10
CA MET C 318 19.09 13.93 20.14
C MET C 318 19.09 15.30 20.78
C MET C 318 19.22 15.30 20.80
N LEU C 319 18.92 15.35 22.11
CA LEU C 319 18.97 16.56 22.94
C LEU C 319 20.39 17.08 23.16
N MET C 320 21.35 16.15 23.28
CA MET C 320 22.75 16.53 23.35
C MET C 320 23.04 17.31 22.08
N VAL C 321 22.61 16.75 20.95
CA VAL C 321 22.91 17.22 19.60
C VAL C 321 22.39 18.65 19.40
N CYS C 322 21.14 18.90 19.88
CA CYS C 322 20.50 20.21 19.95
C CYS C 322 21.30 21.20 20.81
N HIS C 323 21.83 20.75 21.97
CA HIS C 323 22.73 21.55 22.80
C HIS C 323 24.01 21.95 22.03
N HIS C 324 24.48 21.03 21.17
CA HIS C 324 25.73 21.22 20.42
C HIS C 324 25.49 22.16 19.23
N LEU C 325 24.25 22.22 18.73
CA LEU C 325 23.80 23.25 17.79
C LEU C 325 23.50 24.54 18.57
N LYS C 326 23.71 24.41 19.89
CA LYS C 326 23.53 25.46 20.86
C LYS C 326 22.15 26.09 20.70
N GLN C 327 21.09 25.33 21.06
CA GLN C 327 19.66 25.66 20.96
C GLN C 327 18.96 25.84 22.32
N ASN C 328 19.58 26.56 23.28
CA ASN C 328 18.97 26.86 24.57
C ASN C 328 18.60 25.60 25.36
N ILE C 329 19.55 24.62 25.36
CA ILE C 329 19.45 23.28 25.92
C ILE C 329 20.52 23.11 27.02
N PRO C 330 20.21 23.42 28.32
CA PRO C 330 21.06 23.01 29.43
C PRO C 330 20.84 21.51 29.70
N SER C 338 12.25 16.49 31.74
CA SER C 338 11.54 17.77 31.42
C SER C 338 10.98 17.75 29.99
N ARG C 339 11.87 17.40 29.05
CA ARG C 339 11.66 17.40 27.60
C ARG C 339 11.35 15.98 27.07
N ILE C 340 12.21 15.04 27.48
CA ILE C 340 12.22 13.65 27.03
C ILE C 340 11.71 12.86 28.23
N ARG C 341 10.44 12.40 28.21
CA ARG C 341 9.76 11.90 29.41
C ARG C 341 9.26 10.49 29.15
N PRO C 342 9.76 9.47 29.89
CA PRO C 342 9.25 8.10 29.73
C PRO C 342 7.75 8.01 30.04
N GLU C 343 7.26 8.88 30.94
CA GLU C 343 5.86 8.83 31.38
C GLU C 343 4.94 9.17 30.18
N THR C 344 5.32 10.16 29.35
CA THR C 344 4.44 10.63 28.29
C THR C 344 4.58 9.75 27.04
N ILE C 345 5.80 9.26 26.79
CA ILE C 345 6.06 8.35 25.69
C ILE C 345 5.33 7.02 25.90
N ALA C 346 5.41 6.46 27.13
CA ALA C 346 4.66 5.26 27.50
C ALA C 346 3.18 5.51 27.25
N ALA C 347 2.69 6.67 27.73
CA ALA C 347 1.23 6.94 27.73
C ALA C 347 0.75 7.06 26.27
N GLU C 348 1.65 7.59 25.44
CA GLU C 348 1.36 7.83 24.03
C GLU C 348 1.02 6.50 23.32
N ASP C 349 1.74 5.42 23.66
CA ASP C 349 1.37 4.07 23.22
C ASP C 349 -0.11 3.80 23.49
N ILE C 350 -0.51 3.95 24.77
CA ILE C 350 -1.89 3.64 25.15
C ILE C 350 -2.90 4.60 24.51
N LEU C 351 -2.57 5.89 24.40
CA LEU C 351 -3.49 6.84 23.78
C LEU C 351 -3.76 6.43 22.32
N HIS C 352 -2.72 5.96 21.60
CA HIS C 352 -2.94 5.48 20.23
C HIS C 352 -3.97 4.35 20.23
N ASP C 353 -3.84 3.44 21.20
CA ASP C 353 -4.61 2.19 21.22
C ASP C 353 -6.08 2.49 21.55
N LEU C 354 -6.28 3.58 22.34
CA LEU C 354 -7.59 3.99 22.83
C LEU C 354 -8.32 4.87 21.80
N GLY C 355 -7.64 5.31 20.72
CA GLY C 355 -8.26 6.19 19.73
C GLY C 355 -8.28 7.68 20.15
N ILE C 356 -7.38 8.04 21.07
CA ILE C 356 -7.26 9.40 21.57
C ILE C 356 -6.23 10.21 20.74
N ILE C 357 -5.18 9.55 20.23
CA ILE C 357 -4.34 10.24 19.24
C ILE C 357 -4.71 9.63 17.88
N SER C 358 -5.07 10.52 16.92
CA SER C 358 -5.84 10.14 15.73
C SER C 358 -4.95 9.82 14.52
N MET C 359 -3.69 10.30 14.54
CA MET C 359 -2.90 10.33 13.30
C MET C 359 -1.46 9.99 13.61
N MET C 360 -0.79 9.39 12.64
CA MET C 360 0.67 9.31 12.63
C MET C 360 1.20 10.26 11.54
N SER C 361 2.52 10.48 11.56
CA SER C 361 3.25 11.32 10.61
C SER C 361 4.73 11.05 10.84
N THR C 362 5.60 11.58 9.96
CA THR C 362 7.00 11.23 10.10
C THR C 362 7.76 12.23 10.96
N ASP C 363 7.73 13.52 10.55
CA ASP C 363 8.69 14.56 10.98
C ASP C 363 9.99 14.41 10.19
N ALA C 364 9.85 13.96 8.92
CA ALA C 364 10.96 13.56 8.05
C ALA C 364 12.15 14.53 8.13
N LEU C 365 13.33 14.05 8.59
CA LEU C 365 14.64 14.72 8.51
C LEU C 365 14.76 15.89 9.48
N ALA C 366 13.72 16.13 10.29
CA ALA C 366 13.91 17.16 11.32
C ALA C 366 13.93 16.54 12.72
N MET C 367 13.01 15.63 12.99
N MET C 367 12.96 15.67 13.02
CA MET C 367 13.11 14.72 14.13
CA MET C 367 13.04 14.75 14.16
C MET C 367 12.21 13.51 13.88
C MET C 367 12.18 13.52 13.87
N GLY C 368 12.42 12.83 12.75
CA GLY C 368 11.54 11.75 12.34
C GLY C 368 11.98 11.16 11.00
N ARG C 369 11.43 10.00 10.66
CA ARG C 369 12.04 9.17 9.65
C ARG C 369 11.03 9.03 8.51
N ALA C 370 11.44 9.57 7.34
CA ALA C 370 10.60 9.66 6.14
C ALA C 370 9.98 8.31 5.75
N GLY C 371 10.68 7.21 5.99
CA GLY C 371 10.20 5.92 5.49
C GLY C 371 9.66 4.99 6.60
N GLU C 372 9.20 5.53 7.76
CA GLU C 372 8.85 4.68 8.89
C GLU C 372 7.53 5.06 9.54
N MET C 373 6.70 5.90 8.90
CA MET C 373 5.35 6.18 9.40
C MET C 373 4.50 4.91 9.44
N VAL C 374 4.43 4.21 8.29
CA VAL C 374 3.58 3.03 8.19
C VAL C 374 4.19 1.95 9.09
N LEU C 375 5.53 1.75 8.97
CA LEU C 375 6.26 0.72 9.71
C LEU C 375 5.97 0.82 11.22
N ARG C 376 6.12 2.03 11.79
CA ARG C 376 5.95 2.20 13.25
C ARG C 376 4.48 2.12 13.72
N THR C 377 3.56 2.46 12.83
CA THR C 377 2.14 2.33 13.15
C THR C 377 1.85 0.88 13.52
N TRP C 378 2.32 -0.06 12.72
CA TRP C 378 2.04 -1.47 12.95
C TRP C 378 2.83 -2.01 14.13
N GLN C 379 4.08 -1.56 14.31
CA GLN C 379 4.86 -1.96 15.46
C GLN C 379 4.14 -1.54 16.75
N THR C 380 3.51 -0.34 16.72
CA THR C 380 2.76 0.15 17.86
C THR C 380 1.55 -0.77 18.08
N ALA C 381 0.74 -1.03 17.04
CA ALA C 381 -0.45 -1.87 17.19
C ALA C 381 -0.07 -3.23 17.78
N ASP C 382 1.04 -3.77 17.29
CA ASP C 382 1.48 -5.10 17.68
C ASP C 382 1.92 -5.09 19.16
N LYS C 383 2.59 -4.01 19.59
CA LYS C 383 3.05 -3.93 20.97
C LYS C 383 1.85 -3.88 21.91
N MET C 384 0.85 -3.07 21.57
CA MET C 384 -0.38 -2.94 22.35
C MET C 384 -1.15 -4.25 22.43
N LYS C 385 -1.22 -5.03 21.34
CA LYS C 385 -1.87 -6.34 21.44
C LYS C 385 -1.10 -7.22 22.43
N LYS C 386 0.24 -7.24 22.33
CA LYS C 386 1.08 -8.04 23.21
C LYS C 386 0.87 -7.61 24.66
N GLN C 387 0.72 -6.30 24.94
CA GLN C 387 0.68 -5.87 26.32
C GLN C 387 -0.73 -5.78 26.89
N ARG C 388 -1.70 -5.34 26.07
N ARG C 388 -1.69 -5.38 26.04
CA ARG C 388 -3.05 -5.12 26.56
CA ARG C 388 -3.02 -5.10 26.55
C ARG C 388 -3.94 -6.30 26.18
C ARG C 388 -3.99 -6.18 26.07
N GLY C 389 -3.55 -7.04 25.15
CA GLY C 389 -4.37 -8.12 24.64
C GLY C 389 -5.35 -7.60 23.58
N PRO C 390 -6.14 -8.51 22.95
CA PRO C 390 -7.21 -8.09 22.02
C PRO C 390 -8.05 -6.98 22.66
N LEU C 391 -8.46 -5.99 21.83
CA LEU C 391 -9.42 -4.98 22.26
C LEU C 391 -10.77 -5.67 22.49
N ALA C 392 -11.60 -5.08 23.39
CA ALA C 392 -12.93 -5.58 23.73
C ALA C 392 -13.78 -5.75 22.47
N GLU C 393 -13.63 -4.84 21.52
CA GLU C 393 -14.48 -4.77 20.35
C GLU C 393 -14.18 -5.93 19.39
N GLU C 394 -13.04 -6.62 19.53
CA GLU C 394 -12.69 -7.69 18.58
C GLU C 394 -13.69 -8.85 18.67
N LYS C 395 -13.76 -9.65 17.61
CA LYS C 395 -14.34 -10.99 17.69
C LYS C 395 -13.75 -11.85 16.57
N ASN C 396 -14.10 -13.15 16.61
CA ASN C 396 -13.65 -14.14 15.63
C ASN C 396 -12.16 -14.40 15.84
N GLY C 397 -11.62 -13.88 16.96
CA GLY C 397 -10.21 -13.98 17.24
C GLY C 397 -9.35 -13.11 16.32
N SER C 398 -9.94 -12.18 15.56
CA SER C 398 -9.14 -11.37 14.65
C SER C 398 -8.75 -10.06 15.31
N ASP C 399 -7.84 -9.32 14.66
CA ASP C 399 -7.48 -7.98 15.11
C ASP C 399 -8.07 -6.89 14.24
N ASN C 400 -9.20 -7.16 13.56
CA ASN C 400 -9.75 -6.26 12.55
C ASN C 400 -10.05 -4.90 13.15
N PHE C 401 -10.54 -4.88 14.40
CA PHE C 401 -10.93 -3.58 14.92
C PHE C 401 -9.66 -2.74 15.11
N ARG C 402 -8.64 -3.33 15.73
CA ARG C 402 -7.42 -2.56 15.95
C ARG C 402 -6.79 -2.19 14.60
N ALA C 403 -6.87 -3.08 13.62
CA ALA C 403 -6.23 -2.85 12.31
C ALA C 403 -6.89 -1.65 11.62
N LYS C 404 -8.20 -1.52 11.81
CA LYS C 404 -8.88 -0.38 11.19
C LYS C 404 -8.55 0.92 11.94
N ARG C 405 -8.48 0.86 13.25
CA ARG C 405 -8.13 2.05 14.04
C ARG C 405 -6.73 2.51 13.66
N TYR C 406 -5.81 1.55 13.45
CA TYR C 406 -4.43 1.92 13.15
C TYR C 406 -4.23 2.36 11.69
N VAL C 407 -4.80 1.60 10.72
CA VAL C 407 -4.69 2.00 9.31
C VAL C 407 -5.26 3.43 9.17
N SER C 408 -6.28 3.80 9.98
CA SER C 408 -6.87 5.13 9.82
C SER C 408 -5.85 6.23 10.14
N LYS C 409 -4.91 5.95 11.04
CA LYS C 409 -3.99 6.97 11.55
C LYS C 409 -3.11 7.49 10.42
N TYR C 410 -2.83 6.69 9.39
CA TYR C 410 -1.88 7.23 8.39
C TYR C 410 -2.54 7.33 6.99
N THR C 411 -3.85 7.06 6.90
CA THR C 411 -4.52 7.16 5.61
C THR C 411 -5.62 8.21 5.70
N ILE C 412 -6.81 7.80 6.19
CA ILE C 412 -7.96 8.70 6.07
C ILE C 412 -7.82 9.93 7.00
N ASN C 413 -7.32 9.74 8.22
CA ASN C 413 -7.41 10.81 9.22
C ASN C 413 -6.54 12.01 8.83
N PRO C 414 -5.25 11.82 8.42
CA PRO C 414 -4.49 12.95 7.90
C PRO C 414 -5.18 13.64 6.73
N ALA C 415 -5.75 12.86 5.80
CA ALA C 415 -6.46 13.44 4.68
C ALA C 415 -7.60 14.34 5.18
N ILE C 416 -8.41 13.83 6.09
CA ILE C 416 -9.52 14.63 6.63
C ILE C 416 -8.95 15.91 7.25
N ALA C 417 -7.87 15.76 8.01
CA ALA C 417 -7.44 16.93 8.80
C ALA C 417 -6.93 18.02 7.86
N GLN C 418 -6.40 17.60 6.71
N GLN C 418 -6.38 17.63 6.71
CA GLN C 418 -5.71 18.52 5.81
CA GLN C 418 -5.71 18.60 5.83
C GLN C 418 -6.69 19.18 4.84
C GLN C 418 -6.64 19.08 4.70
N GLY C 419 -7.89 18.59 4.70
CA GLY C 419 -8.89 19.09 3.77
C GLY C 419 -8.75 18.52 2.35
N ILE C 420 -8.24 17.27 2.25
CA ILE C 420 -7.93 16.65 0.95
C ILE C 420 -8.57 15.25 0.86
N ALA C 421 -9.41 14.89 1.85
CA ALA C 421 -9.98 13.55 1.83
C ALA C 421 -11.01 13.31 0.69
N HIS C 422 -11.42 14.34 -0.04
CA HIS C 422 -12.24 14.10 -1.21
C HIS C 422 -11.38 13.49 -2.32
N GLU C 423 -10.06 13.72 -2.30
CA GLU C 423 -9.19 13.17 -3.32
C GLU C 423 -8.50 11.86 -2.92
N VAL C 424 -7.95 11.83 -1.69
CA VAL C 424 -7.00 10.78 -1.30
C VAL C 424 -7.31 10.31 0.13
N GLY C 425 -6.55 9.30 0.61
CA GLY C 425 -6.66 8.86 1.99
C GLY C 425 -7.46 7.57 2.20
N SER C 426 -8.16 7.03 1.17
CA SER C 426 -8.85 5.75 1.42
C SER C 426 -9.18 5.07 0.08
N ILE C 427 -9.40 3.74 0.11
CA ILE C 427 -9.84 3.03 -1.08
C ILE C 427 -11.37 3.11 -1.12
N GLU C 428 -11.89 4.16 -1.79
CA GLU C 428 -13.31 4.38 -1.96
C GLU C 428 -13.58 4.79 -3.40
N GLU C 429 -14.80 4.51 -3.89
CA GLU C 429 -15.10 4.93 -5.25
C GLU C 429 -15.08 6.45 -5.36
N GLY C 430 -14.52 6.96 -6.45
CA GLY C 430 -14.53 8.40 -6.66
C GLY C 430 -13.22 9.07 -6.22
N LYS C 431 -12.33 8.31 -5.56
N LYS C 431 -12.32 8.32 -5.57
CA LYS C 431 -11.07 8.86 -5.04
CA LYS C 431 -11.10 8.96 -5.11
C LYS C 431 -9.93 8.57 -6.01
C LYS C 431 -9.92 8.55 -5.99
N PHE C 432 -8.83 9.32 -5.85
CA PHE C 432 -7.71 9.18 -6.79
C PHE C 432 -7.03 7.82 -6.58
N ALA C 433 -6.53 7.17 -7.66
CA ALA C 433 -6.06 5.78 -7.56
C ALA C 433 -4.61 5.76 -7.07
N ASP C 434 -4.41 6.19 -5.83
CA ASP C 434 -3.15 6.01 -5.13
C ASP C 434 -3.27 4.71 -4.34
N LEU C 435 -2.59 3.65 -4.78
CA LEU C 435 -2.85 2.34 -4.14
C LEU C 435 -1.49 1.68 -3.84
N VAL C 436 -1.35 0.97 -2.71
CA VAL C 436 -0.12 0.23 -2.42
C VAL C 436 -0.44 -1.26 -2.29
N LEU C 437 0.25 -2.07 -3.11
CA LEU C 437 0.28 -3.52 -2.99
C LEU C 437 1.42 -3.96 -2.09
N TRP C 438 1.06 -4.88 -1.19
CA TRP C 438 1.96 -5.47 -0.20
C TRP C 438 1.83 -7.00 -0.25
N GLU C 439 2.99 -7.71 -0.33
CA GLU C 439 3.01 -9.11 0.06
C GLU C 439 2.81 -9.17 1.56
N PRO C 440 1.90 -10.03 2.09
CA PRO C 440 1.69 -10.10 3.54
C PRO C 440 3.01 -10.22 4.33
N LYS C 441 3.99 -10.93 3.76
CA LYS C 441 5.24 -11.15 4.49
C LYS C 441 6.03 -9.84 4.69
N PHE C 442 5.77 -8.85 3.82
CA PHE C 442 6.47 -7.57 3.87
C PHE C 442 5.51 -6.46 4.32
N PHE C 443 4.32 -6.82 4.83
CA PHE C 443 3.28 -5.80 4.96
C PHE C 443 3.80 -4.72 5.92
N GLY C 444 3.63 -3.46 5.54
CA GLY C 444 4.05 -2.32 6.36
C GLY C 444 5.57 -2.13 6.39
N VAL C 445 6.33 -2.99 5.70
CA VAL C 445 7.80 -2.91 5.76
C VAL C 445 8.34 -2.39 4.41
N LYS C 446 8.13 -3.16 3.34
CA LYS C 446 8.58 -2.74 2.01
C LYS C 446 7.41 -2.99 1.03
N ALA C 447 6.97 -1.93 0.37
CA ALA C 447 5.82 -2.03 -0.51
C ALA C 447 6.24 -2.81 -1.77
N ASP C 448 5.33 -3.61 -2.33
N ASP C 448 5.34 -3.60 -2.35
CA ASP C 448 5.58 -4.34 -3.59
CA ASP C 448 5.64 -4.30 -3.59
C ASP C 448 5.54 -3.39 -4.79
C ASP C 448 5.56 -3.35 -4.80
N ARG C 449 4.39 -2.73 -4.98
CA ARG C 449 4.14 -1.76 -6.06
C ARG C 449 3.33 -0.61 -5.49
N VAL C 450 3.80 0.62 -5.83
CA VAL C 450 3.07 1.83 -5.48
C VAL C 450 2.44 2.40 -6.75
N ILE C 451 1.10 2.45 -6.75
CA ILE C 451 0.32 3.05 -7.85
C ILE C 451 -0.03 4.48 -7.52
N LYS C 452 0.32 5.37 -8.47
CA LYS C 452 0.02 6.80 -8.39
C LYS C 452 -0.88 7.21 -9.57
N GLY C 453 -2.12 7.65 -9.26
CA GLY C 453 -3.04 8.08 -10.32
C GLY C 453 -3.22 6.99 -11.36
N GLY C 454 -3.28 5.71 -10.95
CA GLY C 454 -3.55 4.63 -11.90
C GLY C 454 -2.36 4.07 -12.69
N ILE C 455 -1.14 4.60 -12.46
CA ILE C 455 0.07 4.03 -13.08
C ILE C 455 1.07 3.67 -11.99
N ILE C 456 1.79 2.56 -12.16
CA ILE C 456 2.81 2.28 -11.13
C ILE C 456 3.92 3.32 -11.18
N ALA C 457 4.26 3.88 -10.00
CA ALA C 457 5.27 4.91 -9.81
C ALA C 457 6.55 4.29 -9.23
N TYR C 458 6.38 3.27 -8.39
CA TYR C 458 7.54 2.71 -7.68
C TYR C 458 7.32 1.22 -7.44
N ALA C 459 8.41 0.44 -7.51
CA ALA C 459 8.27 -1.02 -7.40
C ALA C 459 9.57 -1.69 -6.93
N GLN C 460 9.41 -2.76 -6.11
CA GLN C 460 10.51 -3.62 -5.71
C GLN C 460 10.65 -4.60 -6.86
N ILE C 461 11.72 -4.47 -7.61
N ILE C 461 11.70 -4.42 -7.66
CA ILE C 461 11.82 -5.26 -8.83
CA ILE C 461 11.85 -5.16 -8.91
C ILE C 461 13.30 -5.48 -9.15
C ILE C 461 13.32 -5.47 -9.15
N GLY C 462 13.57 -6.53 -9.93
CA GLY C 462 14.93 -7.04 -10.07
C GLY C 462 15.69 -6.53 -11.30
N ASP C 463 16.68 -7.33 -11.67
CA ASP C 463 17.69 -7.03 -12.67
C ASP C 463 17.03 -6.52 -13.96
N PRO C 464 17.28 -5.28 -14.40
CA PRO C 464 16.68 -4.82 -15.67
C PRO C 464 17.21 -5.48 -16.96
N SER C 465 18.35 -6.20 -16.88
N SER C 465 18.35 -6.20 -16.84
CA SER C 465 18.91 -6.87 -18.05
CA SER C 465 19.00 -6.87 -17.96
C SER C 465 18.42 -8.31 -18.19
C SER C 465 18.51 -8.31 -18.13
N ALA C 466 17.69 -8.79 -17.18
CA ALA C 466 17.33 -10.20 -17.12
C ALA C 466 16.16 -10.56 -18.07
N SER C 467 16.00 -11.89 -18.29
CA SER C 467 14.93 -12.45 -19.08
C SER C 467 13.57 -12.20 -18.43
N ILE C 468 13.54 -12.01 -17.10
CA ILE C 468 12.30 -11.77 -16.36
C ILE C 468 12.68 -10.79 -15.26
N PRO C 469 11.72 -10.14 -14.56
CA PRO C 469 12.02 -9.02 -13.69
C PRO C 469 12.37 -9.36 -12.24
N THR C 470 12.20 -10.65 -11.87
CA THR C 470 12.40 -11.16 -10.51
C THR C 470 13.87 -11.51 -10.15
N PRO C 471 14.84 -11.77 -11.06
CA PRO C 471 16.22 -12.06 -10.64
C PRO C 471 16.87 -10.92 -9.88
N GLN C 472 17.89 -11.24 -9.07
CA GLN C 472 18.54 -10.25 -8.21
C GLN C 472 19.33 -9.26 -9.06
N PRO C 473 19.55 -8.01 -8.55
CA PRO C 473 19.06 -7.62 -7.22
C PRO C 473 17.68 -6.96 -7.23
N VAL C 474 16.78 -7.44 -6.36
CA VAL C 474 15.47 -6.83 -6.19
C VAL C 474 15.59 -5.65 -5.24
N MET C 475 15.24 -4.45 -5.73
CA MET C 475 15.32 -3.25 -4.92
C MET C 475 14.21 -2.30 -5.34
N GLY C 476 13.97 -1.27 -4.52
CA GLY C 476 13.01 -0.26 -4.92
C GLY C 476 13.52 0.57 -6.10
N ARG C 477 12.65 0.76 -7.11
CA ARG C 477 13.02 1.55 -8.28
C ARG C 477 11.79 2.35 -8.73
N ARG C 478 12.05 3.58 -9.24
CA ARG C 478 11.04 4.43 -9.90
C ARG C 478 10.64 3.76 -11.21
N MET C 479 9.33 3.73 -11.48
CA MET C 479 8.78 3.10 -12.68
C MET C 479 8.26 4.17 -13.67
N TYR C 480 7.52 3.74 -14.69
CA TYR C 480 7.24 4.66 -15.78
C TYR C 480 6.33 5.82 -15.32
N GLY C 481 5.61 5.67 -14.20
CA GLY C 481 4.75 6.75 -13.79
C GLY C 481 5.55 8.02 -13.47
N THR C 482 6.85 7.86 -13.19
CA THR C 482 7.68 8.98 -12.74
C THR C 482 8.43 9.60 -13.91
N VAL C 483 8.35 9.01 -15.13
CA VAL C 483 9.22 9.41 -16.22
C VAL C 483 8.52 10.39 -17.17
N GLY C 484 9.30 11.33 -17.72
CA GLY C 484 8.82 12.31 -18.70
C GLY C 484 7.62 13.09 -18.20
N ASP C 485 6.57 13.27 -19.05
CA ASP C 485 5.44 14.09 -18.65
C ASP C 485 4.45 13.27 -17.80
N LEU C 486 4.65 11.94 -17.70
CA LEU C 486 3.64 11.18 -16.95
C LEU C 486 3.66 11.53 -15.47
N ILE C 487 4.83 12.04 -14.98
CA ILE C 487 4.94 12.52 -13.61
C ILE C 487 3.89 13.61 -13.34
N HIS C 488 3.44 14.34 -14.37
CA HIS C 488 2.47 15.41 -14.15
C HIS C 488 1.08 14.85 -13.87
N ASP C 489 0.74 13.77 -14.59
CA ASP C 489 -0.63 13.26 -14.65
C ASP C 489 -0.87 12.30 -13.50
N THR C 490 0.21 11.81 -12.89
CA THR C 490 0.01 10.80 -11.86
C THR C 490 0.12 11.41 -10.46
N ASN C 491 0.33 12.71 -10.34
CA ASN C 491 0.57 13.30 -9.03
C ASN C 491 -0.18 14.62 -8.86
N ILE C 492 -0.54 14.98 -7.63
CA ILE C 492 -1.39 16.15 -7.35
C ILE C 492 -0.60 17.16 -6.52
N THR C 493 -0.58 18.43 -6.97
CA THR C 493 -0.21 19.53 -6.10
C THR C 493 -1.48 20.07 -5.45
N PHE C 494 -1.61 19.95 -4.12
CA PHE C 494 -2.73 20.52 -3.37
C PHE C 494 -2.45 21.99 -3.06
N MET C 495 -3.46 22.87 -3.30
CA MET C 495 -3.36 24.32 -3.15
C MET C 495 -4.65 24.88 -2.55
N SER C 496 -4.53 26.06 -1.91
CA SER C 496 -5.67 26.82 -1.39
C SER C 496 -6.64 27.20 -2.50
N LYS C 497 -7.94 27.27 -2.18
CA LYS C 497 -8.94 27.79 -3.13
C LYS C 497 -8.57 29.16 -3.67
N SER C 498 -8.04 30.10 -2.85
CA SER C 498 -7.76 31.40 -3.43
C SER C 498 -6.65 31.35 -4.45
N SER C 499 -5.59 30.53 -4.23
CA SER C 499 -4.52 30.52 -5.23
C SER C 499 -5.01 29.92 -6.56
N ILE C 500 -5.89 28.92 -6.47
CA ILE C 500 -6.46 28.30 -7.67
C ILE C 500 -7.37 29.30 -8.42
N GLN C 501 -8.22 30.00 -7.65
CA GLN C 501 -9.11 31.02 -8.20
C GLN C 501 -8.31 32.16 -8.85
N GLN C 502 -7.15 32.48 -8.29
CA GLN C 502 -6.31 33.55 -8.81
C GLN C 502 -5.40 33.06 -9.94
N GLY C 503 -5.51 31.79 -10.37
CA GLY C 503 -4.76 31.34 -11.56
C GLY C 503 -3.25 31.07 -11.33
N VAL C 504 -2.86 30.77 -10.09
CA VAL C 504 -1.44 30.52 -9.79
C VAL C 504 -0.86 29.36 -10.62
N PRO C 505 -1.55 28.22 -10.81
CA PRO C 505 -1.01 27.15 -11.66
C PRO C 505 -0.59 27.61 -13.05
N ALA C 506 -1.48 28.36 -13.75
CA ALA C 506 -1.13 28.87 -15.08
C ALA C 506 0.00 29.91 -14.98
N LYS C 507 -0.04 30.74 -13.94
N LYS C 507 -0.09 30.79 -13.97
CA LYS C 507 0.96 31.80 -13.81
CA LYS C 507 0.97 31.78 -13.79
C LYS C 507 2.36 31.21 -13.58
C LYS C 507 2.32 31.07 -13.83
N LEU C 508 2.45 30.01 -13.01
CA LEU C 508 3.76 29.39 -12.78
C LEU C 508 4.05 28.30 -13.80
N GLY C 509 3.12 27.97 -14.69
CA GLY C 509 3.41 26.88 -15.61
C GLY C 509 3.28 25.49 -14.97
N LEU C 510 2.48 25.32 -13.91
CA LEU C 510 2.41 23.99 -13.28
C LEU C 510 1.66 23.03 -14.19
N LYS C 511 2.14 21.79 -14.38
N LYS C 511 2.18 21.82 -14.39
CA LYS C 511 1.40 20.90 -15.24
CA LYS C 511 1.53 20.86 -15.28
C LYS C 511 0.77 19.76 -14.46
C LYS C 511 0.88 19.72 -14.51
N ARG C 512 1.11 19.64 -13.19
CA ARG C 512 0.56 18.58 -12.34
C ARG C 512 -0.95 18.78 -12.14
N ARG C 513 -1.66 17.69 -11.77
N ARG C 513 -1.66 17.70 -11.79
CA ARG C 513 -3.07 17.80 -11.40
CA ARG C 513 -3.04 17.86 -11.41
C ARG C 513 -3.12 18.71 -10.18
C ARG C 513 -3.04 18.81 -10.23
N ILE C 514 -4.10 19.62 -10.12
CA ILE C 514 -4.21 20.59 -9.03
C ILE C 514 -5.35 20.12 -8.14
N GLY C 515 -5.06 19.89 -6.87
CA GLY C 515 -6.08 19.49 -5.93
C GLY C 515 -6.49 20.68 -5.08
N THR C 516 -7.78 20.78 -4.75
CA THR C 516 -8.25 21.91 -3.96
C THR C 516 -8.31 21.50 -2.50
N VAL C 517 -7.71 22.32 -1.64
CA VAL C 517 -7.88 22.08 -0.22
C VAL C 517 -9.23 22.66 0.22
N LYS C 518 -10.08 21.89 0.92
CA LYS C 518 -11.35 22.46 1.39
C LYS C 518 -11.95 21.63 2.53
N ASN C 519 -12.94 22.22 3.23
CA ASN C 519 -13.72 21.59 4.30
C ASN C 519 -12.85 21.17 5.47
N CYS C 520 -11.98 22.08 5.94
CA CYS C 520 -11.23 21.72 7.10
C CYS C 520 -11.39 22.69 8.26
N ARG C 521 -12.41 23.58 8.22
CA ARG C 521 -12.67 24.51 9.32
C ARG C 521 -13.86 24.06 10.18
N ASN C 522 -14.61 23.10 9.61
N ASN C 522 -14.73 23.15 9.76
CA ASN C 522 -15.93 22.65 10.00
CA ASN C 522 -15.86 22.90 10.66
C ASN C 522 -15.84 21.20 10.48
C ASN C 522 -15.72 21.55 11.37
N ILE C 523 -14.67 20.80 11.01
CA ILE C 523 -14.42 19.44 11.48
C ILE C 523 -13.89 19.51 12.92
N GLY C 524 -13.82 18.34 13.60
CA GLY C 524 -13.05 18.22 14.84
C GLY C 524 -12.63 16.78 15.12
N LYS C 525 -12.24 16.53 16.37
CA LYS C 525 -11.90 15.20 16.86
C LYS C 525 -12.97 14.17 16.46
N LYS C 526 -14.28 14.55 16.46
CA LYS C 526 -15.30 13.54 16.21
C LYS C 526 -15.19 13.00 14.78
N ASP C 527 -14.51 13.74 13.88
CA ASP C 527 -14.45 13.39 12.46
C ASP C 527 -13.28 12.42 12.20
N MET C 528 -12.49 12.10 13.24
CA MET C 528 -11.34 11.22 13.07
C MET C 528 -11.82 9.78 13.10
N LYS C 529 -11.72 9.07 11.96
CA LYS C 529 -12.30 7.74 11.82
C LYS C 529 -11.67 6.77 12.80
N TRP C 530 -12.51 6.03 13.58
CA TRP C 530 -12.05 5.04 14.55
C TRP C 530 -11.16 5.68 15.64
N ASN C 531 -11.03 7.01 15.69
CA ASN C 531 -10.02 7.60 16.58
C ASN C 531 -10.61 8.91 17.11
N ASP C 532 -11.81 8.80 17.65
CA ASP C 532 -12.64 9.98 17.76
C ASP C 532 -12.89 10.35 19.22
N VAL C 533 -12.02 9.89 20.14
CA VAL C 533 -12.25 10.01 21.59
C VAL C 533 -11.88 11.41 22.09
N THR C 534 -12.82 12.07 22.80
CA THR C 534 -12.45 13.29 23.54
C THR C 534 -12.45 12.91 25.01
N THR C 535 -11.60 13.56 25.82
CA THR C 535 -11.47 13.18 27.23
C THR C 535 -10.68 14.26 27.96
N ASP C 536 -10.65 14.14 29.30
N ASP C 536 -10.61 14.14 29.30
CA ASP C 536 -9.83 14.95 30.19
CA ASP C 536 -9.84 15.03 30.14
C ASP C 536 -8.47 14.29 30.39
C ASP C 536 -8.48 14.41 30.46
N ILE C 537 -7.42 14.83 29.75
CA ILE C 537 -6.07 14.31 29.95
C ILE C 537 -5.39 15.19 31.00
N ASP C 538 -4.90 14.55 32.08
CA ASP C 538 -4.14 15.24 33.12
C ASP C 538 -2.67 14.81 33.10
N ILE C 539 -1.77 15.80 33.12
CA ILE C 539 -0.36 15.48 33.19
C ILE C 539 0.20 16.11 34.47
N ASN C 540 0.59 15.28 35.43
CA ASN C 540 1.04 15.77 36.72
C ASN C 540 2.28 16.66 36.52
N PRO C 541 2.26 17.94 36.95
CA PRO C 541 3.42 18.84 36.74
C PRO C 541 4.71 18.41 37.43
N GLU C 542 4.59 17.67 38.54
CA GLU C 542 5.76 17.26 39.30
C GLU C 542 6.23 15.87 38.89
N THR C 543 5.32 14.90 38.75
CA THR C 543 5.68 13.52 38.44
C THR C 543 5.53 13.16 36.95
N TYR C 544 4.84 13.98 36.12
CA TYR C 544 4.62 13.71 34.70
C TYR C 544 3.71 12.49 34.50
N GLU C 545 3.08 12.03 35.58
CA GLU C 545 2.09 10.97 35.54
C GLU C 545 0.90 11.43 34.69
N VAL C 546 0.44 10.52 33.80
CA VAL C 546 -0.64 10.80 32.85
C VAL C 546 -1.93 10.11 33.34
N LYS C 547 -2.98 10.92 33.44
CA LYS C 547 -4.33 10.43 33.72
C LYS C 547 -5.33 10.76 32.60
N VAL C 548 -6.23 9.80 32.35
CA VAL C 548 -7.32 9.92 31.39
C VAL C 548 -8.63 9.72 32.14
N ASP C 549 -9.40 10.82 32.27
CA ASP C 549 -10.63 10.80 33.05
C ASP C 549 -10.36 10.25 34.45
N GLY C 550 -9.33 10.77 35.13
CA GLY C 550 -8.98 10.34 36.48
C GLY C 550 -8.28 8.98 36.61
N GLU C 551 -8.07 8.23 35.52
CA GLU C 551 -7.44 6.93 35.62
C GLU C 551 -5.96 6.96 35.17
N VAL C 552 -5.04 6.39 35.98
CA VAL C 552 -3.60 6.46 35.66
C VAL C 552 -3.20 5.60 34.46
N LEU C 553 -2.38 6.17 33.56
CA LEU C 553 -1.88 5.47 32.38
C LEU C 553 -0.39 5.18 32.58
N THR C 554 -0.05 3.91 32.32
CA THR C 554 1.23 3.33 32.67
C THR C 554 1.55 2.26 31.62
N CYS C 555 2.76 2.26 31.06
CA CYS C 555 3.18 1.17 30.20
C CYS C 555 4.68 0.96 30.35
N GLU C 556 5.23 -0.01 29.65
CA GLU C 556 6.67 -0.23 29.72
C GLU C 556 7.22 -0.43 28.31
N PRO C 557 8.56 -0.28 28.11
CA PRO C 557 9.17 -0.39 26.78
C PRO C 557 9.44 -1.86 26.48
N VAL C 558 9.61 -2.20 25.22
CA VAL C 558 9.87 -3.57 24.86
C VAL C 558 11.31 -3.64 24.34
N LYS C 559 11.95 -4.83 24.41
CA LYS C 559 13.34 -5.01 24.00
C LYS C 559 13.48 -5.23 22.49
N GLU C 560 12.42 -5.73 21.85
CA GLU C 560 12.50 -6.19 20.49
C GLU C 560 11.21 -5.80 19.78
N LEU C 561 11.26 -5.56 18.47
CA LEU C 561 10.06 -5.28 17.72
C LEU C 561 10.08 -6.23 16.54
N PRO C 562 8.88 -6.55 16.01
CA PRO C 562 8.76 -7.19 14.71
C PRO C 562 9.06 -6.10 13.66
N MET C 563 9.06 -6.48 12.40
CA MET C 563 9.28 -5.52 11.31
C MET C 563 10.59 -4.74 11.51
N ALA C 564 11.63 -5.46 11.91
CA ALA C 564 12.94 -4.89 12.18
C ALA C 564 14.06 -5.80 11.65
N GLN C 565 14.78 -6.52 12.52
CA GLN C 565 16.04 -7.12 12.07
C GLN C 565 15.82 -8.31 11.13
N ARG C 566 14.60 -8.86 11.06
CA ARG C 566 14.36 -9.92 10.09
C ARG C 566 14.46 -9.39 8.65
N TYR C 567 14.21 -8.07 8.47
CA TYR C 567 13.96 -7.47 7.16
C TYR C 567 15.12 -6.62 6.62
N PHE C 568 15.86 -5.93 7.51
CA PHE C 568 16.61 -4.77 7.11
C PHE C 568 18.10 -5.11 7.01
N LEU C 569 18.74 -4.65 5.94
CA LEU C 569 20.15 -4.95 5.78
C LEU C 569 21.02 -4.07 6.65
N PHE C 570 20.54 -2.90 7.09
CA PHE C 570 21.27 -2.13 8.09
C PHE C 570 20.29 -1.61 9.12
C1 EDO D . 29.36 -24.30 -18.44
O1 EDO D . 28.28 -23.80 -17.62
C2 EDO D . 28.82 -24.36 -19.87
O2 EDO D . 29.81 -24.93 -20.72
C1 EDO E . 27.95 -22.53 2.55
O1 EDO E . 28.30 -23.70 3.40
C2 EDO E . 28.83 -21.25 2.66
O2 EDO E . 28.17 -20.05 3.22
S SO4 F . 25.25 4.92 -10.60
O1 SO4 F . 25.62 5.93 -11.55
O2 SO4 F . 24.08 4.21 -11.07
O3 SO4 F . 24.95 5.54 -9.32
O4 SO4 F . 26.35 3.99 -10.45
S SO4 G . 24.97 -9.68 -16.61
O1 SO4 G . 23.90 -9.04 -17.32
O2 SO4 G . 26.29 -9.12 -17.00
O3 SO4 G . 24.78 -9.46 -15.22
O4 SO4 G . 24.89 -11.12 -16.90
S SO4 H . 28.12 -25.79 -1.34
O1 SO4 H . 26.96 -25.20 -1.94
O2 SO4 H . 29.36 -25.37 -2.03
O3 SO4 H . 28.21 -25.37 0.06
O4 SO4 H . 27.97 -27.23 -1.42
S SO4 I . 14.95 -14.74 15.57
O1 SO4 I . 14.07 -14.82 16.71
O2 SO4 I . 14.25 -14.09 14.49
O3 SO4 I . 16.12 -13.96 15.89
O4 SO4 I . 15.34 -16.08 15.17
C1 EDO J . -29.05 -7.69 -23.17
O1 EDO J . -28.77 -9.07 -22.97
C2 EDO J . -28.31 -7.34 -24.44
O2 EDO J . -27.29 -6.41 -24.05
S SO4 K . -21.51 -37.94 -24.24
O1 SO4 K . -22.16 -36.74 -24.74
O2 SO4 K . -21.92 -39.09 -25.01
O3 SO4 K . -20.09 -37.78 -24.36
O4 SO4 K . -21.84 -38.13 -22.85
S SO4 L . -24.18 -15.80 -40.56
O1 SO4 L . -25.62 -15.77 -40.52
O2 SO4 L . -23.71 -15.89 -41.91
O3 SO4 L . -23.66 -14.59 -39.95
O4 SO4 L . -23.71 -16.96 -39.84
NI NI M . 7.93 20.29 15.68
NI NI N . 8.83 18.99 12.35
C1 EDO O . -6.26 -18.83 -11.10
O1 EDO O . -5.19 -18.07 -11.76
C2 EDO O . -6.20 -20.28 -11.54
O2 EDO O . -4.95 -20.70 -11.02
O O P . 8.91 18.83 14.50
C1 EDO Q . -2.45 19.14 32.59
O1 EDO Q . -3.30 18.06 32.49
C2 EDO Q . -2.93 20.05 31.45
O2 EDO Q . -2.20 21.27 31.74
C1 EDO R . -12.78 30.47 1.25
O1 EDO R . -13.71 29.42 1.32
C2 EDO R . -11.95 30.11 0.03
O2 EDO R . -11.22 31.22 -0.46
C1 EDO S . -13.26 22.78 25.48
O1 EDO S . -12.33 22.86 26.57
C2 EDO S . -12.51 22.13 24.34
O2 EDO S . -11.45 22.95 23.80
AU1 AUF T . 17.28 20.63 17.99
P1 AUF T . 17.14 19.83 15.82
C5 AUF T . 18.27 18.41 15.70
C6 AUF T . 19.21 18.44 16.90
C3 AUF T . 17.68 21.07 14.60
C4 AUF T . 16.56 22.05 14.37
C1 AUF T . 15.44 19.30 15.43
C2 AUF T . 15.11 19.67 13.98
AU1 AUF U . 15.69 20.18 20.71
P1 AUF U . 13.68 19.19 21.51
C5 AUF U . 14.15 17.37 21.52
C6 AUF U . 15.70 17.22 21.17
C3 AUF U . 12.20 19.16 20.41
C4 AUF U . 12.52 18.41 19.08
C1 AUF U . 12.87 19.73 23.06
C2 AUF U . 13.84 20.47 23.93
AU1 AUF V . 1.73 -1.61 29.13
P1 AUF V . 0.95 -3.09 30.66
C5 AUF V . 1.44 -4.84 30.44
C6 AUF V . 2.89 -4.99 30.88
C3 AUF V . -0.81 -3.52 30.90
C4 AUF V . -1.71 -2.49 30.25
C1 AUF V . 1.68 -2.58 32.23
C2 AUF V . 0.73 -1.56 32.78
S SO4 W . -7.16 -24.32 -8.05
O1 SO4 W . -6.93 -22.94 -8.40
O2 SO4 W . -8.57 -24.52 -7.85
O3 SO4 W . -6.46 -24.64 -6.82
O4 SO4 W . -6.68 -25.17 -9.12
S SO4 X . -19.63 -14.67 -1.66
O1 SO4 X . -19.31 -13.35 -2.12
O2 SO4 X . -21.06 -14.84 -1.59
O3 SO4 X . -19.06 -14.84 -0.33
O4 SO4 X . -19.07 -15.61 -2.60
S SO4 Y . -17.91 -1.05 -2.06
O1 SO4 Y . -19.18 -1.64 -2.37
O2 SO4 Y . -17.68 0.14 -2.89
O3 SO4 Y . -16.88 -2.03 -2.33
O4 SO4 Y . -17.88 -0.69 -0.64
S SO4 Z . -17.74 22.24 -3.21
O1 SO4 Z . -18.95 23.01 -3.06
O2 SO4 Z . -17.72 21.62 -4.51
O3 SO4 Z . -16.59 23.09 -3.07
O4 SO4 Z . -17.69 21.20 -2.18
S SO4 AA . -16.92 31.25 -5.61
O1 SO4 AA . -18.06 31.87 -4.98
O2 SO4 AA . -16.88 31.62 -7.00
O3 SO4 AA . -15.71 31.71 -4.96
O4 SO4 AA . -17.08 29.82 -5.50
S SO4 BA . -6.85 18.90 -12.33
O1 SO4 BA . -7.90 19.89 -11.99
O2 SO4 BA . -7.21 18.27 -13.58
O3 SO4 BA . -5.59 19.59 -12.46
O4 SO4 BA . -6.77 17.87 -11.32
S SO4 CA . 22.97 26.15 24.47
O1 SO4 CA . 22.14 25.13 23.90
O2 SO4 CA . 22.96 27.31 23.62
O3 SO4 CA . 24.31 25.65 24.59
O4 SO4 CA . 22.45 26.50 25.77
S SO4 DA . -17.50 -16.67 8.13
O1 SO4 DA . -18.17 -16.70 6.85
O2 SO4 DA . -17.11 -15.32 8.46
O3 SO4 DA . -16.32 -17.54 8.07
O4 SO4 DA . -18.39 -17.16 9.15
S SO4 EA . -20.99 -9.00 -0.58
O1 SO4 EA . -20.76 -7.76 0.13
O2 SO4 EA . -22.27 -8.97 -1.24
O3 SO4 EA . -19.96 -9.16 -1.57
O4 SO4 EA . -20.96 -10.11 0.35
S SO4 FA . -26.57 2.10 -20.89
O1 SO4 FA . -27.23 3.37 -21.00
O2 SO4 FA . -27.12 1.19 -21.86
O3 SO4 FA . -25.16 2.27 -21.13
O4 SO4 FA . -26.76 1.59 -19.54
S SO4 GA . 0.89 29.06 -26.06
O1 SO4 GA . 0.86 29.33 -24.65
O2 SO4 GA . 0.01 29.97 -26.75
O3 SO4 GA . 2.22 29.22 -26.56
O4 SO4 GA . 0.44 27.71 -26.28
S SO4 HA . 23.68 17.69 14.64
O1 SO4 HA . 24.48 18.89 14.70
O2 SO4 HA . 23.05 17.60 13.34
O3 SO4 HA . 22.65 17.70 15.65
O4 SO4 HA . 24.56 16.56 14.82
S SO4 IA . 12.77 21.59 17.30
O1 SO4 IA . 12.87 22.71 18.21
O2 SO4 IA . 12.79 22.06 15.92
O3 SO4 IA . 13.85 20.68 17.53
O4 SO4 IA . 11.54 20.88 17.55
#